data_9UDD
#
_entry.id   9UDD
#
_cell.length_a   66.829
_cell.length_b   52.443
_cell.length_c   145.511
_cell.angle_alpha   90.00
_cell.angle_beta   92.62
_cell.angle_gamma   90.00
#
_symmetry.space_group_name_H-M   'P 1 21 1'
#
loop_
_entity.id
_entity.type
_entity.pdbx_description
1 polymer MonCI
2 non-polymer 'FLAVIN-ADENINE DINUCLEOTIDE'
3 non-polymer GLYCEROL
4 non-polymer 'Monoepoxidized farnesyl acetate'
5 non-polymer 'CHLORIDE ION'
6 water water
#
_entity_poly.entity_id   1
_entity_poly.type   'polypeptide(L)'
_entity_poly.pdbx_seq_one_letter_code
;MNHKVHHHHHHIEGRMTTTRPAHAVVLGASMAGTLAAHVLARHVDAVTVVERDALPEEPQHRKGVPQARHAHLLWSNGAR
LIEEMLPGTTDRLLAAGARRLGFPEDLVTLTGQGWQHRFPATQFALVASRPLLDLTVRQQALGADNITVRQRTEAVELTG
SGGGSGGRVTGVVVRDLDSGRQEQLEADLVIDATGRGSRLKQWLAALGVPALEEDVVDAGVAYATRLFKAPPGATTHFPA
VNIAADDRVREPGRFGVVYPIEGGRWLATLSCTRGAQLPTHEDEFIPFAENLNHPILADLLRDAEPLTPVFGSRSGANRR
LYPERLEQWPDGLLVIGDSLTAFNPIYGHGMSSAARCATTIDREFERSVQEGTGSARAGTRALQKAIGAAVDDPWILAAT
KDIDYVNCRVSATDPRLIGVDTEQRLRFAEAITAASIRSPKASEIVTDVMSLNAPQAELGSNRFLMAMRADERLPELTAP
PFLPEELAVVGLDAATISPTPTPTPTAAVRS
;
_entity_poly.pdbx_strand_id   A,B
#
loop_
_chem_comp.id
_chem_comp.type
_chem_comp.name
_chem_comp.formula
CL non-polymer 'CHLORIDE ION' 'Cl -1'
FAD non-polymer 'FLAVIN-ADENINE DINUCLEOTIDE' 'C27 H33 N9 O15 P2'
GOL non-polymer GLYCEROL 'C3 H8 O3'
YGK non-polymer 'Monoepoxidized farnesyl acetate' 'C17 H28 O3'
#
# COMPACT_ATOMS: atom_id res chain seq x y z
N THR A 19 -6.68 -12.40 22.71
CA THR A 19 -6.88 -13.50 21.77
C THR A 19 -7.66 -12.99 20.54
N ARG A 20 -7.69 -13.82 19.50
CA ARG A 20 -8.19 -13.38 18.19
C ARG A 20 -9.71 -13.27 18.16
N PRO A 21 -10.24 -12.38 17.32
CA PRO A 21 -11.71 -12.30 17.16
C PRO A 21 -12.28 -13.56 16.53
N ALA A 22 -13.34 -14.06 17.14
CA ALA A 22 -14.05 -15.23 16.63
C ALA A 22 -15.40 -14.92 15.99
N HIS A 23 -16.03 -13.80 16.34
CA HIS A 23 -17.32 -13.44 15.76
C HIS A 23 -17.35 -11.95 15.47
N ALA A 24 -17.65 -11.59 14.23
CA ALA A 24 -17.72 -10.19 13.83
C ALA A 24 -19.12 -9.88 13.33
N VAL A 25 -19.62 -8.71 13.69
CA VAL A 25 -20.94 -8.30 13.25
C VAL A 25 -20.78 -7.05 12.40
N VAL A 26 -21.32 -7.10 11.20
CA VAL A 26 -21.27 -5.97 10.28
C VAL A 26 -22.67 -5.36 10.22
N LEU A 27 -22.75 -4.08 10.52
CA LEU A 27 -24.02 -3.35 10.54
C LEU A 27 -24.15 -2.66 9.19
N GLY A 28 -25.07 -3.14 8.37
CA GLY A 28 -25.37 -2.61 7.04
C GLY A 28 -24.82 -3.51 5.95
N ALA A 29 -25.61 -3.73 4.90
CA ALA A 29 -25.24 -4.60 3.80
C ALA A 29 -25.29 -3.88 2.44
N SER A 30 -25.04 -2.57 2.42
CA SER A 30 -24.75 -1.89 1.17
C SER A 30 -23.30 -2.19 0.74
N MET A 31 -22.68 -1.29 -0.05
CA MET A 31 -21.36 -1.60 -0.60
C MET A 31 -20.29 -1.79 0.48
N ALA A 32 -20.25 -0.89 1.47
CA ALA A 32 -19.19 -0.96 2.47
C ALA A 32 -19.31 -2.23 3.32
N GLY A 33 -20.52 -2.54 3.79
CA GLY A 33 -20.69 -3.70 4.67
C GLY A 33 -20.58 -5.03 3.93
N THR A 34 -21.04 -5.08 2.69
CA THR A 34 -20.89 -6.31 1.92
C THR A 34 -19.42 -6.62 1.68
N LEU A 35 -18.65 -5.62 1.26
CA LEU A 35 -17.23 -5.85 1.04
C LEU A 35 -16.53 -6.19 2.35
N ALA A 36 -16.88 -5.51 3.44
CA ALA A 36 -16.20 -5.76 4.70
C ALA A 36 -16.53 -7.15 5.24
N ALA A 37 -17.79 -7.57 5.08
CA ALA A 37 -18.19 -8.91 5.49
C ALA A 37 -17.40 -9.97 4.73
N HIS A 38 -17.32 -9.83 3.41
CA HIS A 38 -16.57 -10.77 2.60
C HIS A 38 -15.13 -10.88 3.09
N VAL A 39 -14.49 -9.72 3.33
CA VAL A 39 -13.11 -9.70 3.82
C VAL A 39 -13.02 -10.30 5.22
N LEU A 40 -13.94 -9.93 6.12
CA LEU A 40 -13.83 -10.42 7.49
C LEU A 40 -14.04 -11.93 7.57
N ALA A 41 -14.86 -12.49 6.68
CA ALA A 41 -15.13 -13.92 6.72
C ALA A 41 -13.88 -14.75 6.48
N ARG A 42 -12.85 -14.17 5.82
CA ARG A 42 -11.57 -14.82 5.60
C ARG A 42 -10.67 -14.81 6.83
N HIS A 43 -10.93 -13.92 7.79
CA HIS A 43 -10.06 -13.77 8.95
C HIS A 43 -10.72 -14.12 10.28
N VAL A 44 -12.05 -14.25 10.32
CA VAL A 44 -12.82 -14.46 11.53
C VAL A 44 -13.68 -15.69 11.31
N ASP A 45 -13.86 -16.49 12.35
CA ASP A 45 -14.61 -17.75 12.22
C ASP A 45 -16.05 -17.49 11.78
N ALA A 46 -16.72 -16.53 12.38
CA ALA A 46 -18.12 -16.27 12.07
C ALA A 46 -18.34 -14.78 11.81
N VAL A 47 -19.13 -14.46 10.80
CA VAL A 47 -19.52 -13.09 10.49
C VAL A 47 -21.05 -13.04 10.40
N THR A 48 -21.66 -12.12 11.13
CA THR A 48 -23.08 -11.84 11.00
C THR A 48 -23.24 -10.45 10.39
N VAL A 49 -24.09 -10.35 9.38
CA VAL A 49 -24.43 -9.09 8.73
C VAL A 49 -25.86 -8.75 9.13
N VAL A 50 -26.04 -7.53 9.64
CA VAL A 50 -27.34 -7.04 10.10
C VAL A 50 -27.77 -5.95 9.14
N GLU A 51 -28.90 -6.17 8.45
CA GLU A 51 -29.42 -5.22 7.46
C GLU A 51 -30.90 -4.97 7.71
N ARG A 52 -31.25 -3.68 7.75
CA ARG A 52 -32.62 -3.26 8.01
C ARG A 52 -33.56 -3.68 6.89
N ASP A 53 -33.09 -3.58 5.65
CA ASP A 53 -33.91 -3.85 4.49
C ASP A 53 -34.04 -5.36 4.22
N ALA A 54 -35.02 -5.69 3.40
CA ALA A 54 -34.99 -6.97 2.73
C ALA A 54 -34.10 -6.78 1.52
N LEU A 55 -33.26 -7.77 1.22
CA LEU A 55 -32.33 -7.63 0.11
C LEU A 55 -32.87 -8.36 -1.11
N PRO A 56 -33.02 -7.68 -2.24
CA PRO A 56 -33.63 -8.34 -3.40
C PRO A 56 -32.63 -9.24 -4.10
N GLU A 57 -33.19 -10.29 -4.73
CA GLU A 57 -32.42 -11.21 -5.55
C GLU A 57 -32.47 -10.81 -7.02
N GLU A 58 -33.20 -9.74 -7.33
CA GLU A 58 -33.23 -9.06 -8.62
C GLU A 58 -32.78 -7.62 -8.44
N PRO A 59 -32.19 -7.02 -9.45
CA PRO A 59 -31.73 -5.64 -9.28
C PRO A 59 -32.92 -4.71 -9.11
N GLN A 60 -33.15 -4.32 -7.87
CA GLN A 60 -34.26 -3.46 -7.53
C GLN A 60 -33.78 -2.42 -6.56
N HIS A 61 -34.40 -1.25 -6.61
CA HIS A 61 -34.16 -0.21 -5.63
C HIS A 61 -34.71 -0.63 -4.28
N ARG A 62 -34.11 -0.10 -3.21
CA ARG A 62 -34.64 -0.35 -1.86
C ARG A 62 -34.44 0.88 -1.01
N LYS A 63 -35.25 0.97 0.06
CA LYS A 63 -35.31 2.17 0.89
C LYS A 63 -33.98 2.49 1.54
N GLY A 64 -33.18 1.48 1.85
CA GLY A 64 -31.94 1.71 2.57
C GLY A 64 -30.87 2.37 1.72
N VAL A 65 -30.99 2.30 0.40
CA VAL A 65 -30.00 2.95 -0.47
C VAL A 65 -30.74 3.89 -1.40
N PRO A 66 -31.30 4.98 -0.90
CA PRO A 66 -32.07 5.87 -1.79
C PRO A 66 -31.17 6.57 -2.80
N GLN A 67 -29.87 6.69 -2.52
CA GLN A 67 -29.02 7.35 -3.49
C GLN A 67 -28.89 6.52 -4.77
N ALA A 68 -29.27 5.24 -4.73
CA ALA A 68 -29.17 4.38 -5.92
C ALA A 68 -29.99 4.91 -7.09
N ARG A 69 -30.92 5.85 -6.85
CA ARG A 69 -31.67 6.44 -7.93
C ARG A 69 -30.83 7.33 -8.83
N HIS A 70 -29.65 7.72 -8.40
CA HIS A 70 -28.86 8.72 -9.12
C HIS A 70 -27.67 8.05 -9.80
N ALA A 71 -27.11 8.77 -10.77
CA ALA A 71 -25.98 8.25 -11.55
C ALA A 71 -24.85 7.84 -10.63
N HIS A 72 -24.35 6.62 -10.84
CA HIS A 72 -23.23 6.10 -10.06
C HIS A 72 -22.11 5.67 -11.01
N LEU A 73 -20.90 6.16 -10.73
CA LEU A 73 -19.67 5.80 -11.44
C LEU A 73 -18.81 4.98 -10.49
N LEU A 74 -18.39 3.79 -10.90
CA LEU A 74 -17.42 3.02 -10.13
C LEU A 74 -16.04 3.26 -10.76
N TRP A 75 -15.27 4.18 -10.16
CA TRP A 75 -13.95 4.52 -10.68
C TRP A 75 -12.99 3.33 -10.65
N SER A 76 -11.97 3.41 -11.50
CA SER A 76 -11.03 2.29 -11.61
C SER A 76 -10.40 1.93 -10.27
N ASN A 77 -10.17 2.89 -9.38
CA ASN A 77 -9.61 2.55 -8.08
C ASN A 77 -10.51 1.54 -7.39
N GLY A 78 -11.78 1.87 -7.23
CA GLY A 78 -12.70 0.95 -6.61
C GLY A 78 -12.93 -0.33 -7.42
N ALA A 79 -13.06 -0.20 -8.73
CA ALA A 79 -13.31 -1.38 -9.55
C ALA A 79 -12.15 -2.37 -9.45
N ARG A 80 -10.93 -1.88 -9.46
CA ARG A 80 -9.78 -2.78 -9.37
C ARG A 80 -9.71 -3.42 -7.98
N LEU A 81 -9.99 -2.67 -6.92
CA LEU A 81 -9.96 -3.25 -5.58
C LEU A 81 -11.06 -4.29 -5.43
N ILE A 82 -12.23 -4.01 -5.97
CA ILE A 82 -13.31 -4.97 -5.91
C ILE A 82 -12.94 -6.22 -6.71
N GLU A 83 -12.34 -6.02 -7.89
CA GLU A 83 -11.94 -7.14 -8.75
C GLU A 83 -10.90 -8.03 -8.07
N GLU A 84 -9.99 -7.42 -7.31
CA GLU A 84 -8.99 -8.20 -6.60
C GLU A 84 -9.59 -8.95 -5.41
N MET A 85 -10.55 -8.33 -4.72
CA MET A 85 -11.23 -9.06 -3.65
C MET A 85 -12.14 -10.15 -4.19
N LEU A 86 -12.82 -9.88 -5.30
CA LEU A 86 -13.88 -10.74 -5.84
C LEU A 86 -13.66 -10.97 -7.33
N PRO A 87 -12.71 -11.84 -7.69
CA PRO A 87 -12.37 -12.04 -9.11
C PRO A 87 -13.61 -12.40 -9.92
N GLY A 88 -13.67 -11.91 -11.16
CA GLY A 88 -14.83 -12.15 -12.01
C GLY A 88 -15.97 -11.15 -11.85
N THR A 89 -15.91 -10.23 -10.89
CA THR A 89 -17.00 -9.27 -10.72
C THR A 89 -17.16 -8.36 -11.94
N THR A 90 -16.04 -7.92 -12.52
CA THR A 90 -16.12 -6.99 -13.63
C THR A 90 -16.72 -7.65 -14.87
N ASP A 91 -16.21 -8.82 -15.24
CA ASP A 91 -16.80 -9.55 -16.37
C ASP A 91 -18.29 -9.80 -16.14
N ARG A 92 -18.68 -10.09 -14.90
CA ARG A 92 -20.08 -10.37 -14.66
C ARG A 92 -20.91 -9.10 -14.77
N LEU A 93 -20.33 -7.95 -14.42
CA LEU A 93 -21.04 -6.69 -14.60
C LEU A 93 -21.20 -6.36 -16.06
N LEU A 94 -20.12 -6.56 -16.84
CA LEU A 94 -20.13 -6.28 -18.27
C LEU A 94 -21.08 -7.20 -19.01
N ALA A 95 -21.15 -8.46 -18.60
CA ALA A 95 -22.11 -9.37 -19.21
C ALA A 95 -23.54 -8.96 -18.90
N ALA A 96 -23.76 -8.33 -17.73
CA ALA A 96 -25.09 -7.83 -17.43
C ALA A 96 -25.37 -6.46 -18.03
N GLY A 97 -24.49 -5.90 -18.87
CA GLY A 97 -24.80 -4.67 -19.57
C GLY A 97 -24.09 -3.42 -19.05
N ALA A 98 -23.26 -3.54 -18.01
CA ALA A 98 -22.49 -2.40 -17.56
C ALA A 98 -21.56 -1.93 -18.67
N ARG A 99 -21.20 -0.67 -18.61
CA ARG A 99 -20.25 -0.11 -19.57
C ARG A 99 -18.94 0.28 -18.90
N ARG A 100 -17.83 -0.02 -19.57
CA ARG A 100 -16.51 0.44 -19.16
C ARG A 100 -16.22 1.75 -19.88
N LEU A 101 -16.41 2.89 -19.20
CA LEU A 101 -16.12 4.20 -19.79
C LEU A 101 -14.65 4.55 -19.60
N GLY A 102 -13.94 4.80 -20.70
CA GLY A 102 -12.56 5.28 -20.64
C GLY A 102 -12.54 6.80 -20.53
N PHE A 103 -11.69 7.30 -19.63
CA PHE A 103 -11.54 8.73 -19.39
C PHE A 103 -10.17 9.18 -19.91
N PRO A 104 -10.08 10.27 -20.68
CA PRO A 104 -11.24 11.11 -21.04
C PRO A 104 -11.92 10.72 -22.36
N GLU A 105 -11.46 9.64 -22.97
CA GLU A 105 -11.82 9.32 -24.36
C GLU A 105 -13.33 9.20 -24.56
N ASP A 106 -14.03 8.51 -23.64
CA ASP A 106 -15.43 8.18 -23.82
C ASP A 106 -16.39 9.20 -23.23
N LEU A 107 -15.94 10.43 -23.00
CA LEU A 107 -16.84 11.46 -22.46
C LEU A 107 -16.66 12.75 -23.24
N VAL A 108 -17.76 13.47 -23.39
CA VAL A 108 -17.75 14.84 -23.88
C VAL A 108 -18.00 15.69 -22.65
N THR A 109 -16.97 16.43 -22.21
CA THR A 109 -17.00 17.14 -20.94
C THR A 109 -16.76 18.63 -21.16
N LEU A 110 -17.61 19.48 -20.59
CA LEU A 110 -17.37 20.91 -20.55
C LEU A 110 -16.88 21.30 -19.17
N THR A 111 -15.66 21.82 -19.07
CA THR A 111 -15.15 22.33 -17.80
C THR A 111 -15.25 23.84 -17.81
N GLY A 112 -14.92 24.46 -16.69
CA GLY A 112 -14.89 25.92 -16.61
C GLY A 112 -13.86 26.56 -17.53
N GLN A 113 -12.92 25.78 -18.05
CA GLN A 113 -11.87 26.23 -18.95
C GLN A 113 -12.12 25.83 -20.40
N GLY A 114 -13.19 25.05 -20.68
CA GLY A 114 -13.54 24.64 -22.02
C GLY A 114 -13.72 23.13 -22.13
N TRP A 115 -13.82 22.65 -23.36
CA TRP A 115 -14.08 21.24 -23.63
C TRP A 115 -12.80 20.41 -23.44
N GLN A 116 -12.97 19.24 -22.84
CA GLN A 116 -11.88 18.28 -22.68
C GLN A 116 -11.56 17.61 -24.03
N HIS A 117 -10.30 17.67 -24.46
CA HIS A 117 -9.88 16.86 -25.61
C HIS A 117 -10.00 15.39 -25.24
N ARG A 118 -10.54 14.60 -26.15
CA ARG A 118 -10.81 13.19 -25.84
C ARG A 118 -9.57 12.33 -26.12
N PHE A 119 -8.52 12.61 -25.35
CA PHE A 119 -7.27 11.85 -25.42
C PHE A 119 -7.55 10.37 -25.19
N PRO A 120 -6.70 9.50 -25.74
CA PRO A 120 -6.85 8.07 -25.49
C PRO A 120 -6.96 7.80 -24.00
N ALA A 121 -7.87 6.91 -23.64
CA ALA A 121 -8.21 6.71 -22.24
C ALA A 121 -7.00 6.30 -21.41
N THR A 122 -6.79 6.98 -20.29
CA THR A 122 -5.77 6.58 -19.34
C THR A 122 -6.35 6.02 -18.05
N GLN A 123 -7.64 6.24 -17.78
CA GLN A 123 -8.31 5.60 -16.67
C GLN A 123 -9.68 5.19 -17.15
N PHE A 124 -10.45 4.56 -16.26
CA PHE A 124 -11.78 4.11 -16.64
C PHE A 124 -12.69 4.15 -15.42
N ALA A 125 -13.98 4.00 -15.69
CA ALA A 125 -14.96 3.78 -14.65
C ALA A 125 -16.00 2.83 -15.20
N LEU A 126 -16.55 1.95 -14.35
CA LEU A 126 -17.68 1.12 -14.73
C LEU A 126 -18.98 1.86 -14.42
N VAL A 127 -19.91 1.85 -15.37
CA VAL A 127 -21.21 2.50 -15.16
C VAL A 127 -22.31 1.48 -15.42
N ALA A 128 -23.26 1.44 -14.49
CA ALA A 128 -24.43 0.59 -14.50
C ALA A 128 -25.38 1.17 -13.44
N SER A 129 -26.61 0.68 -13.42
CA SER A 129 -27.49 1.09 -12.33
C SER A 129 -26.91 0.59 -11.00
N ARG A 130 -26.97 1.44 -9.99
CA ARG A 130 -26.45 1.02 -8.70
C ARG A 130 -27.09 -0.27 -8.20
N PRO A 131 -28.40 -0.53 -8.35
CA PRO A 131 -28.93 -1.82 -7.87
C PRO A 131 -28.31 -3.02 -8.57
N LEU A 132 -28.02 -2.92 -9.87
CA LEU A 132 -27.31 -4.00 -10.55
C LEU A 132 -25.92 -4.17 -9.96
N LEU A 133 -25.22 -3.06 -9.70
CA LEU A 133 -23.89 -3.20 -9.13
C LEU A 133 -23.95 -3.81 -7.74
N ASP A 134 -24.95 -3.40 -6.94
CA ASP A 134 -25.07 -3.93 -5.58
C ASP A 134 -25.40 -5.43 -5.60
N LEU A 135 -26.36 -5.85 -6.42
CA LEU A 135 -26.70 -7.27 -6.49
C LEU A 135 -25.49 -8.10 -6.92
N THR A 136 -24.80 -7.67 -7.97
CA THR A 136 -23.68 -8.44 -8.50
C THR A 136 -22.60 -8.61 -7.45
N VAL A 137 -22.34 -7.56 -6.68
CA VAL A 137 -21.33 -7.61 -5.63
C VAL A 137 -21.78 -8.51 -4.50
N ARG A 138 -23.05 -8.38 -4.07
CA ARG A 138 -23.57 -9.23 -3.01
C ARG A 138 -23.57 -10.70 -3.41
N GLN A 139 -23.91 -10.98 -4.67
CA GLN A 139 -23.90 -12.35 -5.13
C GLN A 139 -22.48 -12.93 -5.08
N GLN A 140 -21.47 -12.13 -5.44
CA GLN A 140 -20.10 -12.61 -5.39
C GLN A 140 -19.58 -12.75 -3.97
N ALA A 141 -20.11 -11.96 -3.03
CA ALA A 141 -19.47 -11.73 -1.73
C ALA A 141 -20.14 -12.39 -0.53
N LEU A 142 -21.46 -12.54 -0.52
CA LEU A 142 -22.15 -12.99 0.68
C LEU A 142 -22.52 -14.47 0.67
N GLY A 143 -22.05 -15.23 -0.30
CA GLY A 143 -22.28 -16.65 -0.36
C GLY A 143 -21.33 -17.50 0.44
N ALA A 144 -20.33 -16.89 1.10
CA ALA A 144 -19.42 -17.65 1.94
C ALA A 144 -20.22 -18.32 3.05
N ASP A 145 -19.80 -19.52 3.42
CA ASP A 145 -20.62 -20.29 4.33
C ASP A 145 -20.50 -19.85 5.78
N ASN A 146 -19.48 -19.07 6.15
CA ASN A 146 -19.38 -18.56 7.52
C ASN A 146 -19.91 -17.13 7.66
N ILE A 147 -20.68 -16.67 6.69
CA ILE A 147 -21.42 -15.40 6.76
C ILE A 147 -22.90 -15.68 6.93
N THR A 148 -23.52 -15.11 7.95
CA THR A 148 -24.96 -15.16 8.15
C THR A 148 -25.54 -13.76 7.94
N VAL A 149 -26.52 -13.64 7.06
CA VAL A 149 -27.12 -12.35 6.75
C VAL A 149 -28.49 -12.29 7.41
N ARG A 150 -28.66 -11.36 8.34
CA ARG A 150 -29.94 -11.16 9.03
C ARG A 150 -30.61 -9.93 8.40
N GLN A 151 -31.45 -10.19 7.41
CA GLN A 151 -32.27 -9.17 6.78
C GLN A 151 -33.40 -8.74 7.69
N ARG A 152 -34.05 -7.64 7.30
CA ARG A 152 -35.15 -7.06 8.06
C ARG A 152 -34.83 -7.04 9.55
N THR A 153 -33.60 -6.64 9.85
CA THR A 153 -33.10 -6.59 11.21
C THR A 153 -32.35 -5.27 11.38
N GLU A 154 -32.59 -4.61 12.49
CA GLU A 154 -32.08 -3.27 12.68
C GLU A 154 -31.16 -3.26 13.88
N ALA A 155 -30.03 -2.58 13.73
CA ALA A 155 -29.12 -2.38 14.84
C ALA A 155 -29.66 -1.20 15.64
N VAL A 156 -29.93 -1.43 16.92
CA VAL A 156 -30.56 -0.47 17.80
C VAL A 156 -29.54 0.34 18.58
N GLU A 157 -28.59 -0.37 19.20
CA GLU A 157 -27.54 0.27 19.98
C GLU A 157 -26.42 -0.76 20.14
N LEU A 158 -25.32 -0.29 20.69
CA LEU A 158 -24.17 -1.12 20.96
C LEU A 158 -24.15 -1.46 22.44
N THR A 159 -23.54 -2.60 22.76
CA THR A 159 -23.36 -3.05 24.13
C THR A 159 -21.88 -2.93 24.48
N GLY A 160 -21.59 -2.55 25.71
CA GLY A 160 -20.22 -2.43 26.16
C GLY A 160 -20.10 -1.31 27.17
N SER A 161 -18.85 -1.00 27.53
CA SER A 161 -18.52 0.12 28.40
C SER A 161 -17.71 1.14 27.59
N GLY A 162 -17.92 2.43 27.87
CA GLY A 162 -17.21 3.47 27.17
C GLY A 162 -16.66 4.50 28.13
N GLY A 163 -15.63 5.20 27.67
CA GLY A 163 -14.93 6.16 28.49
C GLY A 163 -13.91 5.48 29.37
N GLY A 164 -13.02 6.28 29.94
CA GLY A 164 -12.04 5.73 30.83
C GLY A 164 -10.80 5.28 30.10
N SER A 165 -10.01 4.49 30.83
CA SER A 165 -8.73 4.02 30.32
C SER A 165 -8.88 2.86 29.34
N GLY A 166 -10.06 2.27 29.21
CA GLY A 166 -10.21 1.12 28.35
C GLY A 166 -11.62 0.68 28.01
N GLY A 167 -12.36 1.47 27.23
CA GLY A 167 -13.69 1.04 26.84
C GLY A 167 -13.65 -0.08 25.81
N ARG A 168 -14.77 -0.80 25.70
CA ARG A 168 -14.89 -1.87 24.73
C ARG A 168 -16.33 -2.01 24.28
N VAL A 169 -16.53 -2.33 23.00
CA VAL A 169 -17.82 -2.75 22.50
C VAL A 169 -17.87 -4.26 22.54
N THR A 170 -18.95 -4.80 23.08
CA THR A 170 -19.10 -6.22 23.31
C THR A 170 -20.13 -6.86 22.40
N GLY A 171 -20.90 -6.06 21.67
CA GLY A 171 -21.95 -6.60 20.83
C GLY A 171 -22.92 -5.51 20.43
N VAL A 172 -24.08 -5.96 19.94
CA VAL A 172 -25.09 -5.09 19.36
C VAL A 172 -26.49 -5.56 19.76
N VAL A 173 -27.33 -4.65 20.19
CA VAL A 173 -28.77 -4.90 20.33
C VAL A 173 -29.41 -4.74 18.96
N VAL A 174 -30.05 -5.81 18.47
CA VAL A 174 -30.75 -5.78 17.18
C VAL A 174 -32.24 -6.02 17.44
N ARG A 175 -33.05 -5.55 16.49
CA ARG A 175 -34.50 -5.73 16.53
C ARG A 175 -34.98 -6.32 15.22
N ASP A 176 -35.67 -7.44 15.31
CA ASP A 176 -36.31 -8.00 14.13
C ASP A 176 -37.47 -7.10 13.74
N LEU A 177 -37.58 -6.76 12.47
CA LEU A 177 -38.60 -5.78 12.13
C LEU A 177 -39.93 -6.43 11.78
N ASP A 178 -39.94 -7.73 11.54
CA ASP A 178 -41.19 -8.45 11.31
C ASP A 178 -41.81 -8.98 12.59
N SER A 179 -41.01 -9.36 13.58
CA SER A 179 -41.54 -9.73 14.88
C SER A 179 -41.51 -8.59 15.89
N GLY A 180 -40.70 -7.56 15.67
CA GLY A 180 -40.50 -6.55 16.69
C GLY A 180 -39.65 -6.98 17.86
N ARG A 181 -39.23 -8.24 17.93
CA ARG A 181 -38.49 -8.72 19.07
C ARG A 181 -37.03 -8.26 19.03
N GLN A 182 -36.46 -8.04 20.21
CA GLN A 182 -35.10 -7.57 20.32
C GLN A 182 -34.23 -8.68 20.85
N GLU A 183 -32.93 -8.49 20.68
CA GLU A 183 -31.97 -9.56 20.90
C GLU A 183 -30.59 -8.95 20.99
N GLN A 184 -29.84 -9.33 22.02
CA GLN A 184 -28.47 -8.89 22.22
C GLN A 184 -27.51 -9.83 21.48
N LEU A 185 -26.92 -9.33 20.40
CA LEU A 185 -25.98 -10.08 19.57
C LEU A 185 -24.57 -9.82 20.08
N GLU A 186 -23.97 -10.79 20.76
CA GLU A 186 -22.62 -10.59 21.29
C GLU A 186 -21.59 -10.77 20.19
N ALA A 187 -20.48 -10.04 20.30
CA ALA A 187 -19.48 -10.03 19.22
C ALA A 187 -18.13 -9.60 19.76
N ASP A 188 -17.06 -10.09 19.10
CA ASP A 188 -15.70 -9.64 19.38
C ASP A 188 -15.37 -8.36 18.63
N LEU A 189 -16.07 -8.11 17.54
CA LEU A 189 -15.78 -6.98 16.67
C LEU A 189 -17.09 -6.52 16.04
N VAL A 190 -17.33 -5.22 16.04
CA VAL A 190 -18.53 -4.64 15.45
C VAL A 190 -18.09 -3.59 14.43
N ILE A 191 -18.64 -3.68 13.22
CA ILE A 191 -18.31 -2.80 12.10
C ILE A 191 -19.55 -1.97 11.78
N ASP A 192 -19.45 -0.66 11.95
CA ASP A 192 -20.55 0.22 11.54
C ASP A 192 -20.39 0.51 10.06
N ALA A 193 -21.28 -0.05 9.23
CA ALA A 193 -21.34 0.28 7.82
C ALA A 193 -22.75 0.75 7.45
N THR A 194 -23.40 1.47 8.37
CA THR A 194 -24.79 1.92 8.18
C THR A 194 -24.92 3.22 7.41
N GLY A 195 -23.83 3.77 6.89
CA GLY A 195 -24.01 4.83 5.91
C GLY A 195 -24.07 6.21 6.50
N ARG A 196 -24.41 7.15 5.61
CA ARG A 196 -24.43 8.56 5.99
C ARG A 196 -25.45 8.82 7.08
N GLY A 197 -26.53 8.07 7.11
CA GLY A 197 -27.55 8.27 8.13
C GLY A 197 -27.30 7.42 9.36
N SER A 198 -26.03 7.08 9.63
CA SER A 198 -25.69 6.16 10.69
C SER A 198 -25.90 6.80 12.06
N ARG A 199 -26.36 5.97 13.01
CA ARG A 199 -26.61 6.46 14.39
C ARG A 199 -25.42 6.10 15.27
N LEU A 200 -24.20 6.22 14.74
CA LEU A 200 -23.02 5.88 15.54
C LEU A 200 -22.76 6.90 16.65
N LYS A 201 -23.06 8.19 16.41
CA LYS A 201 -22.71 9.17 17.43
C LYS A 201 -23.61 9.05 18.66
N GLN A 202 -24.85 8.59 18.47
CA GLN A 202 -25.73 8.30 19.60
C GLN A 202 -25.31 7.02 20.30
N TRP A 203 -24.82 6.03 19.55
CA TRP A 203 -24.41 4.79 20.19
C TRP A 203 -23.19 5.04 21.06
N LEU A 204 -22.30 5.94 20.60
CA LEU A 204 -21.12 6.28 21.39
C LEU A 204 -21.49 7.11 22.62
N ALA A 205 -22.47 8.00 22.47
CA ALA A 205 -22.92 8.77 23.65
C ALA A 205 -23.54 7.85 24.67
N ALA A 206 -24.33 6.88 24.22
CA ALA A 206 -24.99 5.96 25.13
C ALA A 206 -23.97 5.09 25.87
N LEU A 207 -22.76 4.92 25.32
CA LEU A 207 -21.76 4.13 26.00
C LEU A 207 -20.81 5.00 26.82
N GLY A 208 -20.97 6.32 26.81
CA GLY A 208 -20.07 7.17 27.56
C GLY A 208 -18.79 7.54 26.82
N VAL A 209 -18.74 7.34 25.51
CA VAL A 209 -17.57 7.72 24.72
C VAL A 209 -17.65 9.22 24.42
N PRO A 210 -16.59 9.99 24.62
CA PRO A 210 -16.62 11.41 24.23
C PRO A 210 -16.80 11.56 22.72
N ALA A 211 -17.23 12.75 22.31
CA ALA A 211 -17.59 12.99 20.93
C ALA A 211 -16.35 13.02 20.03
N LEU A 212 -16.53 12.61 18.79
CA LEU A 212 -15.44 12.53 17.81
C LEU A 212 -15.15 13.90 17.21
N GLU A 213 -13.92 14.09 16.75
CA GLU A 213 -13.61 15.23 15.91
C GLU A 213 -14.18 14.94 14.53
N GLU A 214 -14.63 16.01 13.87
CA GLU A 214 -15.42 15.89 12.65
C GLU A 214 -15.14 17.10 11.78
N ASP A 215 -14.69 16.86 10.54
CA ASP A 215 -14.59 17.93 9.56
C ASP A 215 -15.77 17.92 8.60
N VAL A 216 -16.25 19.12 8.25
CA VAL A 216 -17.34 19.29 7.30
C VAL A 216 -16.96 20.38 6.33
N VAL A 217 -17.13 20.10 5.05
CA VAL A 217 -17.12 21.09 3.98
C VAL A 217 -18.38 20.78 3.18
N ASP A 218 -19.41 21.62 3.32
CA ASP A 218 -20.76 21.40 2.83
C ASP A 218 -21.12 22.53 1.86
N ALA A 219 -21.04 22.27 0.56
CA ALA A 219 -21.46 23.26 -0.43
C ALA A 219 -22.95 23.18 -0.75
N GLY A 220 -23.71 22.42 0.03
CA GLY A 220 -25.16 22.33 -0.18
C GLY A 220 -25.47 21.71 -1.53
N VAL A 221 -24.77 20.64 -1.90
CA VAL A 221 -25.01 20.04 -3.20
C VAL A 221 -26.32 19.24 -3.18
N ALA A 222 -27.09 19.37 -4.25
CA ALA A 222 -28.33 18.63 -4.40
C ALA A 222 -28.40 18.07 -5.82
N TYR A 223 -29.18 17.00 -5.95
N TYR A 223 -29.20 17.01 -5.94
CA TYR A 223 -29.30 16.33 -7.27
CA TYR A 223 -29.36 16.33 -7.23
C TYR A 223 -30.75 16.04 -7.62
C TYR A 223 -30.81 16.16 -7.61
N ALA A 224 -31.00 16.11 -8.91
CA ALA A 224 -32.30 15.81 -9.51
C ALA A 224 -32.05 14.90 -10.71
N THR A 225 -32.59 13.70 -10.64
CA THR A 225 -32.32 12.67 -11.64
C THR A 225 -33.60 12.21 -12.30
N ARG A 226 -33.51 11.93 -13.61
CA ARG A 226 -34.54 11.16 -14.27
C ARG A 226 -33.86 10.10 -15.11
N LEU A 227 -34.57 9.01 -15.31
CA LEU A 227 -34.12 7.94 -16.16
C LEU A 227 -34.85 8.07 -17.48
N PHE A 228 -34.14 7.84 -18.58
CA PHE A 228 -34.70 7.93 -19.92
C PHE A 228 -34.35 6.68 -20.72
N LYS A 229 -35.11 6.47 -21.79
CA LYS A 229 -34.77 5.45 -22.76
C LYS A 229 -33.83 6.11 -23.74
N ALA A 230 -32.61 5.57 -23.88
CA ALA A 230 -31.66 6.21 -24.76
C ALA A 230 -32.05 5.90 -26.20
N PRO A 231 -31.68 6.75 -27.17
CA PRO A 231 -31.84 6.35 -28.58
C PRO A 231 -31.13 5.02 -28.80
N PRO A 232 -31.69 4.16 -29.64
CA PRO A 232 -31.12 2.82 -29.81
C PRO A 232 -29.65 2.87 -30.15
N GLY A 233 -28.85 2.09 -29.43
CA GLY A 233 -27.42 2.00 -29.61
C GLY A 233 -26.62 3.11 -28.94
N ALA A 234 -27.25 4.13 -28.40
CA ALA A 234 -26.49 5.23 -27.81
C ALA A 234 -25.72 4.78 -26.58
N THR A 235 -26.23 3.79 -25.84
CA THR A 235 -25.49 3.38 -24.65
C THR A 235 -24.19 2.67 -24.98
N THR A 236 -24.00 2.21 -26.22
CA THR A 236 -22.73 1.61 -26.62
C THR A 236 -21.93 2.49 -27.57
N HIS A 237 -22.58 3.25 -28.45
CA HIS A 237 -21.89 3.98 -29.51
C HIS A 237 -21.97 5.49 -29.35
N PHE A 238 -22.36 5.96 -28.16
CA PHE A 238 -22.43 7.38 -27.88
C PHE A 238 -21.75 7.60 -26.53
N PRO A 239 -20.96 8.67 -26.39
CA PRO A 239 -20.23 8.88 -25.13
C PRO A 239 -21.18 9.31 -24.02
N ALA A 240 -20.66 9.27 -22.78
CA ALA A 240 -21.32 10.02 -21.73
C ALA A 240 -21.07 11.52 -21.96
N VAL A 241 -21.93 12.36 -21.40
CA VAL A 241 -21.80 13.80 -21.56
C VAL A 241 -21.91 14.47 -20.19
N ASN A 242 -20.97 15.36 -19.89
CA ASN A 242 -20.84 15.95 -18.57
C ASN A 242 -20.64 17.43 -18.72
N ILE A 243 -21.59 18.24 -18.27
CA ILE A 243 -21.46 19.69 -18.32
C ILE A 243 -21.13 20.10 -16.89
N ALA A 244 -19.86 20.41 -16.65
CA ALA A 244 -19.33 20.58 -15.30
C ALA A 244 -18.51 21.86 -15.19
N ALA A 245 -19.06 22.95 -15.73
CA ALA A 245 -18.43 24.27 -15.68
C ALA A 245 -18.95 25.04 -14.47
N ASP A 246 -18.03 25.48 -13.61
CA ASP A 246 -18.38 26.28 -12.44
C ASP A 246 -17.74 27.66 -12.50
N ASP A 247 -18.09 28.48 -11.52
CA ASP A 247 -17.56 29.81 -11.25
C ASP A 247 -17.78 29.97 -9.75
N ARG A 248 -17.20 29.00 -9.02
CA ARG A 248 -17.43 28.71 -7.60
C ARG A 248 -17.61 29.94 -6.72
N VAL A 249 -16.71 30.92 -6.86
CA VAL A 249 -16.66 32.00 -5.87
C VAL A 249 -17.57 33.16 -6.21
N ARG A 250 -18.22 33.11 -7.35
CA ARG A 250 -19.13 34.18 -7.73
C ARG A 250 -20.55 33.67 -7.87
N GLU A 251 -20.71 32.36 -7.97
CA GLU A 251 -21.99 31.88 -8.45
C GLU A 251 -22.10 30.42 -8.04
N PRO A 252 -23.26 29.99 -7.58
CA PRO A 252 -23.47 28.57 -7.30
C PRO A 252 -23.22 27.72 -8.54
N GLY A 253 -22.67 26.54 -8.31
CA GLY A 253 -22.50 25.61 -9.41
C GLY A 253 -23.84 25.06 -9.88
N ARG A 254 -23.93 24.81 -11.19
CA ARG A 254 -25.04 24.10 -11.80
C ARG A 254 -24.43 23.15 -12.83
N PHE A 255 -24.78 21.87 -12.75
CA PHE A 255 -24.09 20.84 -13.54
C PHE A 255 -25.10 19.84 -14.08
N GLY A 256 -24.65 19.05 -15.04
CA GLY A 256 -25.49 17.98 -15.52
C GLY A 256 -24.68 16.90 -16.19
N VAL A 257 -25.12 15.66 -16.05
CA VAL A 257 -24.46 14.52 -16.69
C VAL A 257 -25.52 13.57 -17.22
N VAL A 258 -25.22 12.93 -18.35
CA VAL A 258 -26.03 11.84 -18.90
C VAL A 258 -25.10 10.64 -19.02
N TYR A 259 -25.42 9.57 -18.27
CA TYR A 259 -24.62 8.37 -18.38
C TYR A 259 -25.45 7.24 -18.98
N PRO A 260 -24.81 6.37 -19.76
CA PRO A 260 -25.47 5.14 -20.20
C PRO A 260 -25.39 4.11 -19.09
N ILE A 261 -26.46 3.35 -18.93
CA ILE A 261 -26.51 2.21 -18.03
C ILE A 261 -27.07 1.03 -18.83
N GLU A 262 -27.23 -0.11 -18.16
CA GLU A 262 -27.68 -1.32 -18.84
C GLU A 262 -29.15 -1.20 -19.28
N GLY A 263 -29.51 -1.94 -20.32
CA GLY A 263 -30.89 -1.95 -20.80
C GLY A 263 -31.22 -0.84 -21.76
N GLY A 264 -30.22 -0.27 -22.42
CA GLY A 264 -30.45 0.82 -23.37
C GLY A 264 -31.05 2.06 -22.74
N ARG A 265 -30.61 2.42 -21.53
CA ARG A 265 -31.19 3.55 -20.82
C ARG A 265 -30.14 4.59 -20.51
N TRP A 266 -30.57 5.84 -20.43
CA TRP A 266 -29.76 7.00 -20.05
C TRP A 266 -30.18 7.43 -18.65
N LEU A 267 -29.22 7.59 -17.76
CA LEU A 267 -29.47 8.14 -16.43
C LEU A 267 -28.94 9.58 -16.45
N ALA A 268 -29.83 10.54 -16.32
CA ALA A 268 -29.50 11.96 -16.38
C ALA A 268 -29.62 12.55 -14.98
N THR A 269 -28.51 13.06 -14.44
CA THR A 269 -28.48 13.63 -13.10
C THR A 269 -28.02 15.08 -13.23
N LEU A 270 -28.86 16.00 -12.78
CA LEU A 270 -28.56 17.42 -12.73
C LEU A 270 -28.20 17.74 -11.29
N SER A 271 -27.33 18.73 -11.09
CA SER A 271 -26.93 19.07 -9.74
C SER A 271 -26.66 20.56 -9.65
N CYS A 272 -26.69 21.05 -8.41
CA CYS A 272 -26.36 22.44 -8.15
C CYS A 272 -25.90 22.58 -6.70
N THR A 273 -25.25 23.71 -6.42
CA THR A 273 -24.81 24.01 -5.07
C THR A 273 -25.76 25.04 -4.42
N ARG A 274 -25.51 25.32 -3.14
CA ARG A 274 -26.39 26.17 -2.35
C ARG A 274 -26.53 27.54 -2.98
N GLY A 275 -27.77 27.97 -3.16
CA GLY A 275 -28.08 29.22 -3.80
C GLY A 275 -28.76 29.06 -5.15
N ALA A 276 -28.56 27.93 -5.84
CA ALA A 276 -29.24 27.65 -7.09
C ALA A 276 -30.44 26.74 -6.82
N GLN A 277 -31.30 26.64 -7.82
CA GLN A 277 -32.53 25.88 -7.68
C GLN A 277 -32.60 24.80 -8.73
N LEU A 278 -32.84 23.55 -8.27
CA LEU A 278 -32.97 22.36 -9.10
C LEU A 278 -34.42 22.20 -9.51
N PRO A 279 -34.67 21.49 -10.61
CA PRO A 279 -36.05 21.12 -10.95
C PRO A 279 -36.67 20.27 -9.84
N THR A 280 -37.90 20.57 -9.52
CA THR A 280 -38.67 19.63 -8.72
C THR A 280 -39.77 18.94 -9.51
N HIS A 281 -40.31 19.57 -10.55
CA HIS A 281 -41.32 18.97 -11.41
C HIS A 281 -40.70 18.55 -12.75
N GLU A 282 -41.32 17.52 -13.35
CA GLU A 282 -40.81 16.97 -14.60
C GLU A 282 -40.61 18.05 -15.67
N ASP A 283 -41.55 19.00 -15.78
CA ASP A 283 -41.45 20.01 -16.84
C ASP A 283 -40.33 21.03 -16.58
N GLU A 284 -39.69 21.00 -15.42
CA GLU A 284 -38.59 21.91 -15.14
C GLU A 284 -37.23 21.25 -15.38
N PHE A 285 -37.21 19.96 -15.74
CA PHE A 285 -35.96 19.22 -15.87
C PHE A 285 -35.17 19.69 -17.08
N ILE A 286 -35.78 19.65 -18.28
CA ILE A 286 -35.08 20.10 -19.48
C ILE A 286 -34.68 21.55 -19.42
N PRO A 287 -35.50 22.49 -18.92
CA PRO A 287 -35.04 23.88 -18.84
C PRO A 287 -33.82 24.10 -17.94
N PHE A 288 -33.65 23.32 -16.87
CA PHE A 288 -32.41 23.46 -16.11
C PHE A 288 -31.22 23.06 -17.00
N ALA A 289 -31.33 21.94 -17.72
CA ALA A 289 -30.27 21.54 -18.63
C ALA A 289 -30.04 22.57 -19.73
N GLU A 290 -31.09 23.30 -20.11
CA GLU A 290 -30.96 24.34 -21.11
C GLU A 290 -30.18 25.53 -20.61
N ASN A 291 -30.20 25.80 -19.31
CA ASN A 291 -29.52 26.98 -18.80
C ASN A 291 -28.10 26.67 -18.34
N LEU A 292 -27.57 25.50 -18.68
CA LEU A 292 -26.15 25.25 -18.52
C LEU A 292 -25.36 26.01 -19.60
N ASN A 293 -24.03 26.06 -19.43
CA ASN A 293 -23.21 26.86 -20.33
C ASN A 293 -23.32 26.38 -21.78
N HIS A 294 -23.66 25.12 -21.98
CA HIS A 294 -23.94 24.64 -23.33
C HIS A 294 -25.19 23.78 -23.24
N PRO A 295 -26.12 23.88 -24.20
CA PRO A 295 -27.42 23.22 -24.02
C PRO A 295 -27.47 21.78 -24.52
N ILE A 296 -26.31 21.14 -24.71
CA ILE A 296 -26.25 19.82 -25.33
C ILE A 296 -27.08 18.80 -24.56
N LEU A 297 -27.08 18.87 -23.21
CA LEU A 297 -27.85 17.89 -22.46
C LEU A 297 -29.34 18.02 -22.78
N ALA A 298 -29.83 19.26 -22.88
CA ALA A 298 -31.22 19.45 -23.23
C ALA A 298 -31.49 18.98 -24.65
N ASP A 299 -30.55 19.24 -25.57
CA ASP A 299 -30.75 18.74 -26.93
C ASP A 299 -30.80 17.21 -26.95
N LEU A 300 -30.00 16.55 -26.11
CA LEU A 300 -30.01 15.09 -26.12
C LEU A 300 -31.29 14.53 -25.53
N LEU A 301 -31.84 15.19 -24.51
CA LEU A 301 -32.93 14.64 -23.71
C LEU A 301 -34.30 15.12 -24.16
N ARG A 302 -34.37 16.14 -25.01
CA ARG A 302 -35.63 16.82 -25.32
C ARG A 302 -36.67 15.86 -25.88
N ASP A 303 -36.26 14.97 -26.76
CA ASP A 303 -37.17 14.04 -27.39
C ASP A 303 -36.95 12.62 -26.89
N ALA A 304 -36.17 12.46 -25.82
CA ALA A 304 -35.95 11.12 -25.26
C ALA A 304 -37.12 10.73 -24.37
N GLU A 305 -37.45 9.44 -24.38
CA GLU A 305 -38.58 8.97 -23.59
C GLU A 305 -38.23 8.89 -22.10
N PRO A 306 -38.87 9.70 -21.26
CA PRO A 306 -38.63 9.60 -19.81
C PRO A 306 -39.30 8.36 -19.24
N LEU A 307 -38.60 7.69 -18.31
CA LEU A 307 -39.08 6.45 -17.74
C LEU A 307 -39.49 6.61 -16.28
N THR A 308 -39.14 7.72 -15.65
CA THR A 308 -39.38 7.96 -14.23
C THR A 308 -39.76 9.43 -14.04
N PRO A 309 -40.34 9.76 -12.91
CA PRO A 309 -40.39 11.17 -12.48
C PRO A 309 -39.01 11.61 -11.99
N VAL A 310 -38.92 12.87 -11.55
CA VAL A 310 -37.65 13.38 -11.01
C VAL A 310 -37.45 12.80 -9.62
N PHE A 311 -36.23 12.29 -9.35
CA PHE A 311 -35.82 11.90 -8.00
C PHE A 311 -34.82 12.94 -7.49
N GLY A 312 -34.87 13.24 -6.20
CA GLY A 312 -34.03 14.24 -5.60
C GLY A 312 -33.10 13.62 -4.58
N SER A 313 -31.99 14.29 -4.33
CA SER A 313 -31.15 13.93 -3.19
C SER A 313 -30.49 15.21 -2.68
N ARG A 314 -30.34 15.30 -1.36
CA ARG A 314 -29.61 16.40 -0.74
C ARG A 314 -28.41 15.87 0.03
N SER A 315 -28.00 14.63 -0.26
CA SER A 315 -26.87 14.02 0.42
C SER A 315 -25.56 14.45 -0.25
N GLY A 316 -25.21 15.73 -0.07
CA GLY A 316 -24.09 16.27 -0.81
C GLY A 316 -22.92 16.83 -0.01
N ALA A 317 -22.92 16.65 1.29
CA ALA A 317 -21.88 17.25 2.12
C ALA A 317 -20.64 16.35 2.13
N ASN A 318 -19.47 16.98 2.28
CA ASN A 318 -18.25 16.26 2.64
C ASN A 318 -18.15 16.26 4.15
N ARG A 319 -18.13 15.08 4.75
CA ARG A 319 -17.88 15.09 6.18
C ARG A 319 -17.01 13.90 6.54
N ARG A 320 -16.19 14.09 7.57
CA ARG A 320 -15.22 13.07 7.96
C ARG A 320 -15.14 13.01 9.46
N LEU A 321 -15.34 11.81 10.02
CA LEU A 321 -15.09 11.56 11.43
C LEU A 321 -13.68 11.04 11.59
N TYR A 322 -13.08 11.34 12.75
CA TYR A 322 -11.71 10.91 13.02
C TYR A 322 -11.66 10.03 14.26
N PRO A 323 -12.25 8.84 14.22
CA PRO A 323 -12.13 7.95 15.38
C PRO A 323 -10.70 7.57 15.68
N GLU A 324 -9.84 7.58 14.66
CA GLU A 324 -8.43 7.28 14.87
C GLU A 324 -7.74 8.31 15.76
N ARG A 325 -8.35 9.48 15.95
CA ARG A 325 -7.80 10.51 16.84
C ARG A 325 -8.34 10.43 18.27
N LEU A 326 -9.37 9.63 18.53
CA LEU A 326 -10.03 9.62 19.82
C LEU A 326 -9.29 8.68 20.77
N GLU A 327 -8.77 9.23 21.87
CA GLU A 327 -8.05 8.39 22.82
C GLU A 327 -8.97 7.36 23.46
N GLN A 328 -10.25 7.67 23.59
CA GLN A 328 -11.21 6.76 24.19
C GLN A 328 -12.01 6.00 23.14
N TRP A 329 -11.43 5.78 21.94
CA TRP A 329 -12.10 4.96 20.96
C TRP A 329 -12.19 3.54 21.49
N PRO A 330 -13.38 2.96 21.61
CA PRO A 330 -13.49 1.65 22.25
C PRO A 330 -12.92 0.53 21.40
N ASP A 331 -12.36 -0.46 22.10
CA ASP A 331 -11.88 -1.67 21.45
C ASP A 331 -13.06 -2.45 20.88
N GLY A 332 -12.80 -3.19 19.81
CA GLY A 332 -13.80 -4.02 19.16
C GLY A 332 -14.76 -3.29 18.25
N LEU A 333 -14.51 -2.02 17.95
CA LEU A 333 -15.40 -1.25 17.10
C LEU A 333 -14.62 -0.63 15.94
N LEU A 334 -15.19 -0.77 14.75
CA LEU A 334 -14.65 -0.16 13.54
C LEU A 334 -15.81 0.54 12.84
N VAL A 335 -15.49 1.64 12.16
CA VAL A 335 -16.49 2.36 11.38
C VAL A 335 -15.91 2.57 9.98
N ILE A 336 -16.71 2.24 8.95
CA ILE A 336 -16.24 2.28 7.55
C ILE A 336 -17.31 2.91 6.67
N GLY A 337 -16.92 3.14 5.42
CA GLY A 337 -17.91 3.56 4.45
C GLY A 337 -18.37 4.98 4.74
N ASP A 338 -19.57 5.29 4.24
CA ASP A 338 -20.14 6.64 4.41
C ASP A 338 -20.30 7.02 5.89
N SER A 339 -20.42 6.04 6.79
CA SER A 339 -20.52 6.42 8.21
C SER A 339 -19.24 7.07 8.70
N LEU A 340 -18.08 6.57 8.25
CA LEU A 340 -16.81 7.18 8.63
C LEU A 340 -16.58 8.50 7.90
N THR A 341 -16.81 8.52 6.59
CA THR A 341 -16.53 9.71 5.79
C THR A 341 -17.35 9.62 4.51
N ALA A 342 -18.05 10.70 4.21
CA ALA A 342 -18.90 10.76 3.03
C ALA A 342 -18.55 12.01 2.23
N PHE A 343 -18.82 11.96 0.93
CA PHE A 343 -18.31 12.98 0.03
C PHE A 343 -19.45 13.55 -0.82
N ASN A 344 -19.19 14.72 -1.38
CA ASN A 344 -19.95 15.23 -2.50
C ASN A 344 -19.99 14.18 -3.61
N PRO A 345 -21.16 13.69 -4.00
CA PRO A 345 -21.21 12.56 -4.95
C PRO A 345 -20.77 12.91 -6.36
N ILE A 346 -20.72 14.19 -6.72
CA ILE A 346 -20.27 14.62 -8.05
C ILE A 346 -18.90 14.06 -8.40
N TYR A 347 -18.01 13.88 -7.43
CA TYR A 347 -16.69 13.31 -7.77
C TYR A 347 -16.72 11.79 -7.80
N GLY A 348 -17.82 11.18 -7.35
CA GLY A 348 -18.07 9.76 -7.50
C GLY A 348 -17.08 8.84 -6.82
N HIS A 349 -16.72 9.11 -5.56
CA HIS A 349 -15.72 8.27 -4.92
C HIS A 349 -16.23 7.39 -3.79
N GLY A 350 -17.48 7.52 -3.35
CA GLY A 350 -17.92 6.81 -2.15
C GLY A 350 -17.74 5.30 -2.22
N MET A 351 -18.03 4.70 -3.39
CA MET A 351 -17.91 3.25 -3.49
C MET A 351 -16.44 2.83 -3.53
N SER A 352 -15.60 3.64 -4.15
CA SER A 352 -14.17 3.35 -4.13
C SER A 352 -13.64 3.53 -2.72
N SER A 353 -14.15 4.52 -1.98
CA SER A 353 -13.70 4.66 -0.60
C SER A 353 -14.16 3.46 0.24
N ALA A 354 -15.38 2.94 -0.04
CA ALA A 354 -15.83 1.72 0.65
C ALA A 354 -14.91 0.54 0.33
N ALA A 355 -14.56 0.38 -0.94
CA ALA A 355 -13.67 -0.72 -1.31
C ALA A 355 -12.30 -0.56 -0.66
N ARG A 356 -11.82 0.69 -0.56
CA ARG A 356 -10.56 0.95 0.16
C ARG A 356 -10.65 0.53 1.62
N CYS A 357 -11.82 0.74 2.27
CA CYS A 357 -11.91 0.37 3.68
C CYS A 357 -11.84 -1.15 3.82
N ALA A 358 -12.50 -1.87 2.92
CA ALA A 358 -12.49 -3.33 3.00
C ALA A 358 -11.10 -3.87 2.66
N THR A 359 -10.48 -3.29 1.65
CA THR A 359 -9.13 -3.74 1.28
C THR A 359 -8.15 -3.51 2.42
N THR A 360 -8.24 -2.35 3.06
CA THR A 360 -7.38 -2.10 4.21
C THR A 360 -7.63 -3.11 5.33
N ILE A 361 -8.89 -3.45 5.58
CA ILE A 361 -9.14 -4.44 6.62
C ILE A 361 -8.49 -5.77 6.24
N ASP A 362 -8.60 -6.15 4.97
CA ASP A 362 -8.00 -7.41 4.53
C ASP A 362 -6.48 -7.40 4.72
N ARG A 363 -5.83 -6.28 4.39
CA ARG A 363 -4.37 -6.26 4.38
C ARG A 363 -3.78 -6.09 5.77
N GLU A 364 -4.49 -5.42 6.69
CA GLU A 364 -3.94 -5.04 7.98
C GLU A 364 -4.48 -5.86 9.14
N PHE A 365 -5.45 -6.74 8.89
CA PHE A 365 -6.14 -7.44 9.97
C PHE A 365 -5.19 -8.28 10.81
N GLU A 366 -4.51 -9.24 10.15
CA GLU A 366 -3.68 -10.18 10.88
C GLU A 366 -2.55 -9.46 11.61
N ARG A 367 -1.93 -8.50 10.94
CA ARG A 367 -0.88 -7.72 11.56
C ARG A 367 -1.37 -7.01 12.82
N SER A 368 -2.64 -6.61 12.88
CA SER A 368 -3.13 -5.79 13.98
C SER A 368 -3.78 -6.58 15.12
N VAL A 369 -4.04 -7.89 14.95
CA VAL A 369 -4.42 -8.77 16.06
C VAL A 369 -3.25 -9.51 16.73
N GLN A 370 -2.03 -9.26 16.25
CA GLN A 370 -0.80 -9.90 16.81
C GLN A 370 0.44 -9.13 16.34
N ALA A 376 -0.76 -5.30 23.02
CA ALA A 376 -1.82 -4.69 22.21
C ALA A 376 -3.18 -4.98 22.81
N ARG A 377 -4.11 -4.04 22.64
CA ARG A 377 -5.51 -4.24 23.03
C ARG A 377 -6.22 -5.18 22.05
N ALA A 378 -7.46 -4.85 21.67
CA ALA A 378 -8.18 -5.63 20.66
C ALA A 378 -7.62 -5.45 19.24
N GLY A 379 -6.54 -4.71 18.99
CA GLY A 379 -6.05 -4.49 17.64
C GLY A 379 -6.84 -3.50 16.81
N THR A 380 -8.02 -3.08 17.28
CA THR A 380 -8.90 -2.29 16.44
C THR A 380 -8.45 -0.83 16.30
N ARG A 381 -7.72 -0.27 17.26
CA ARG A 381 -7.20 1.08 17.08
C ARG A 381 -6.25 1.16 15.88
N ALA A 382 -5.42 0.14 15.68
CA ALA A 382 -4.49 0.16 14.56
C ALA A 382 -5.24 0.00 13.24
N LEU A 383 -6.24 -0.89 13.21
CA LEU A 383 -7.05 -1.04 12.02
C LEU A 383 -7.74 0.27 11.68
N GLN A 384 -8.38 0.89 12.67
CA GLN A 384 -9.13 2.11 12.39
C GLN A 384 -8.21 3.22 11.89
N LYS A 385 -6.99 3.31 12.42
CA LYS A 385 -6.02 4.27 11.92
C LYS A 385 -5.66 4.00 10.46
N ALA A 386 -5.42 2.73 10.12
CA ALA A 386 -5.13 2.37 8.74
C ALA A 386 -6.34 2.70 7.86
N ILE A 387 -7.55 2.41 8.35
CA ILE A 387 -8.75 2.78 7.59
C ILE A 387 -8.79 4.28 7.39
N GLY A 388 -8.52 5.07 8.45
CA GLY A 388 -8.53 6.51 8.28
C GLY A 388 -7.54 7.03 7.23
N ALA A 389 -6.34 6.43 7.17
CA ALA A 389 -5.42 6.87 6.13
C ALA A 389 -5.92 6.49 4.74
N ALA A 390 -6.62 5.36 4.62
CA ALA A 390 -7.09 4.95 3.31
C ALA A 390 -8.19 5.86 2.77
N VAL A 391 -8.94 6.57 3.64
CA VAL A 391 -10.01 7.42 3.10
C VAL A 391 -9.55 8.88 2.91
N ASP A 392 -8.25 9.16 3.08
CA ASP A 392 -7.79 10.55 2.96
C ASP A 392 -7.88 11.06 1.51
N ASP A 393 -7.54 10.23 0.50
CA ASP A 393 -7.55 10.71 -0.88
C ASP A 393 -8.91 11.28 -1.28
N PRO A 394 -10.02 10.54 -1.15
CA PRO A 394 -11.31 11.12 -1.58
C PRO A 394 -11.77 12.29 -0.71
N TRP A 395 -11.38 12.31 0.55
CA TRP A 395 -11.72 13.43 1.41
C TRP A 395 -11.03 14.71 0.95
N ILE A 396 -9.69 14.69 0.82
CA ILE A 396 -9.03 15.96 0.54
C ILE A 396 -9.37 16.45 -0.87
N LEU A 397 -9.59 15.53 -1.81
CA LEU A 397 -10.02 15.91 -3.16
C LEU A 397 -11.37 16.63 -3.12
N ALA A 398 -12.36 15.98 -2.54
CA ALA A 398 -13.70 16.55 -2.54
C ALA A 398 -13.74 17.86 -1.76
N ALA A 399 -13.12 17.87 -0.58
CA ALA A 399 -13.17 19.07 0.26
C ALA A 399 -12.46 20.24 -0.43
N THR A 400 -11.33 19.98 -1.09
CA THR A 400 -10.58 21.04 -1.75
C THR A 400 -11.38 21.68 -2.85
N LYS A 401 -12.11 20.88 -3.62
CA LYS A 401 -12.88 21.40 -4.72
C LYS A 401 -14.14 22.12 -4.28
N ASP A 402 -14.68 21.77 -3.11
CA ASP A 402 -15.92 22.40 -2.68
C ASP A 402 -15.72 23.59 -1.77
N ILE A 403 -14.52 23.72 -1.16
CA ILE A 403 -14.38 24.69 -0.08
C ILE A 403 -14.63 26.13 -0.54
N ASP A 404 -14.38 26.44 -1.81
CA ASP A 404 -14.47 27.83 -2.25
C ASP A 404 -15.82 28.22 -2.88
N TYR A 405 -16.83 27.33 -2.88
CA TYR A 405 -18.14 27.70 -3.41
C TYR A 405 -18.76 28.80 -2.56
N VAL A 406 -19.43 29.74 -3.22
CA VAL A 406 -20.20 30.73 -2.48
C VAL A 406 -21.22 30.01 -1.61
N ASN A 407 -21.45 30.54 -0.41
CA ASN A 407 -22.39 29.99 0.60
C ASN A 407 -21.95 28.64 1.14
N CYS A 408 -20.69 28.23 0.93
CA CYS A 408 -20.27 26.94 1.43
C CYS A 408 -20.16 27.01 2.95
N ARG A 409 -20.55 25.93 3.62
CA ARG A 409 -20.45 25.86 5.07
C ARG A 409 -19.24 25.02 5.44
N VAL A 410 -18.29 25.61 6.17
CA VAL A 410 -16.99 25.00 6.40
C VAL A 410 -16.78 24.91 7.90
N SER A 411 -16.46 23.72 8.37
CA SER A 411 -16.21 23.45 9.76
C SER A 411 -15.18 22.32 9.81
N ALA A 412 -13.93 22.70 9.61
CA ALA A 412 -12.88 21.70 9.47
C ALA A 412 -11.61 22.22 10.11
N THR A 413 -10.83 21.28 10.63
CA THR A 413 -9.56 21.63 11.22
C THR A 413 -8.38 21.22 10.34
N ASP A 414 -8.64 20.61 9.18
CA ASP A 414 -7.63 20.16 8.23
C ASP A 414 -6.76 21.35 7.78
N PRO A 415 -5.47 21.39 8.13
CA PRO A 415 -4.66 22.56 7.74
C PRO A 415 -4.42 22.67 6.24
N ARG A 416 -4.58 21.57 5.47
CA ARG A 416 -4.53 21.71 4.01
C ARG A 416 -5.69 22.54 3.48
N LEU A 417 -6.77 22.63 4.24
CA LEU A 417 -7.94 23.40 3.81
C LEU A 417 -7.99 24.80 4.43
N ILE A 418 -7.78 24.93 5.73
CA ILE A 418 -8.14 26.17 6.39
C ILE A 418 -7.03 27.23 6.39
N GLY A 419 -5.77 26.84 6.40
CA GLY A 419 -4.75 27.87 6.46
C GLY A 419 -4.23 28.37 5.12
N VAL A 420 -5.09 28.52 4.13
CA VAL A 420 -4.66 28.56 2.73
C VAL A 420 -5.20 29.81 2.06
N ASP A 421 -4.32 30.57 1.42
CA ASP A 421 -4.69 31.64 0.51
C ASP A 421 -5.68 31.14 -0.53
N THR A 422 -6.91 31.66 -0.51
CA THR A 422 -7.96 31.12 -1.36
C THR A 422 -7.87 31.59 -2.81
N GLU A 423 -7.21 32.73 -3.07
CA GLU A 423 -7.10 33.14 -4.46
C GLU A 423 -5.97 32.38 -5.14
N GLN A 424 -4.98 31.97 -4.35
CA GLN A 424 -3.93 31.10 -4.88
C GLN A 424 -4.48 29.70 -5.16
N ARG A 425 -5.43 29.25 -4.35
CA ARG A 425 -6.00 27.92 -4.58
C ARG A 425 -6.90 27.92 -5.82
N LEU A 426 -7.72 28.97 -5.97
CA LEU A 426 -8.55 29.10 -7.17
C LEU A 426 -7.70 29.25 -8.44
N ARG A 427 -6.64 30.04 -8.31
CA ARG A 427 -5.66 30.27 -9.39
C ARG A 427 -4.95 28.95 -9.72
N PHE A 428 -4.69 28.09 -8.72
CA PHE A 428 -4.03 26.84 -9.07
C PHE A 428 -5.02 25.83 -9.63
N ALA A 429 -6.27 25.82 -9.12
CA ALA A 429 -7.29 24.94 -9.67
C ALA A 429 -7.58 25.25 -11.13
N GLU A 430 -7.73 26.54 -11.46
CA GLU A 430 -8.00 26.91 -12.85
C GLU A 430 -6.88 26.42 -13.77
N ALA A 431 -5.65 26.54 -13.30
CA ALA A 431 -4.51 26.17 -14.12
C ALA A 431 -4.44 24.65 -14.32
N ILE A 432 -4.77 23.88 -13.28
CA ILE A 432 -4.82 22.43 -13.43
C ILE A 432 -5.85 22.04 -14.48
N THR A 433 -7.03 22.67 -14.41
CA THR A 433 -8.11 22.34 -15.33
C THR A 433 -7.75 22.73 -16.76
N ALA A 434 -7.21 23.95 -16.95
CA ALA A 434 -6.80 24.38 -18.29
C ALA A 434 -5.74 23.46 -18.89
N ALA A 435 -4.86 22.91 -18.06
CA ALA A 435 -3.85 22.00 -18.57
C ALA A 435 -4.46 20.65 -18.92
N SER A 436 -5.34 20.13 -18.06
CA SER A 436 -5.83 18.77 -18.27
C SER A 436 -6.69 18.66 -19.52
N ILE A 437 -7.41 19.73 -19.89
CA ILE A 437 -8.30 19.64 -21.03
C ILE A 437 -7.54 19.66 -22.36
N ARG A 438 -6.29 20.15 -22.40
CA ARG A 438 -5.61 20.32 -23.68
C ARG A 438 -4.17 19.80 -23.75
N SER A 439 -3.65 19.18 -22.69
CA SER A 439 -2.31 18.59 -22.69
C SER A 439 -2.42 17.12 -22.34
N PRO A 440 -1.99 16.20 -23.22
CA PRO A 440 -2.12 14.76 -22.91
C PRO A 440 -1.45 14.35 -21.60
N LYS A 441 -0.24 14.84 -21.32
CA LYS A 441 0.46 14.39 -20.12
C LYS A 441 -0.14 15.01 -18.86
N ALA A 442 -0.67 16.23 -18.95
CA ALA A 442 -1.36 16.77 -17.79
C ALA A 442 -2.69 16.05 -17.60
N SER A 443 -3.37 15.72 -18.71
CA SER A 443 -4.61 14.96 -18.60
C SER A 443 -4.39 13.63 -17.88
N GLU A 444 -3.35 12.91 -18.27
CA GLU A 444 -3.10 11.60 -17.66
C GLU A 444 -2.96 11.71 -16.15
N ILE A 445 -2.24 12.71 -15.66
CA ILE A 445 -2.05 12.80 -14.22
C ILE A 445 -3.34 13.21 -13.52
N VAL A 446 -4.08 14.16 -14.13
CA VAL A 446 -5.34 14.58 -13.53
C VAL A 446 -6.33 13.42 -13.47
N THR A 447 -6.36 12.57 -14.53
CA THR A 447 -7.25 11.40 -14.50
C THR A 447 -6.78 10.36 -13.48
N ASP A 448 -5.47 10.27 -13.21
CA ASP A 448 -5.02 9.44 -12.09
C ASP A 448 -5.63 9.95 -10.78
N VAL A 449 -5.60 11.26 -10.56
CA VAL A 449 -6.15 11.84 -9.33
C VAL A 449 -7.66 11.69 -9.29
N MET A 450 -8.33 12.03 -10.40
CA MET A 450 -9.79 12.01 -10.37
C MET A 450 -10.36 10.59 -10.23
N SER A 451 -9.65 9.58 -10.73
CA SER A 451 -10.01 8.17 -10.59
C SER A 451 -9.61 7.60 -9.24
N LEU A 452 -9.08 8.44 -8.36
CA LEU A 452 -8.68 8.05 -6.99
C LEU A 452 -7.49 7.11 -6.98
N ASN A 453 -6.63 7.21 -8.01
CA ASN A 453 -5.44 6.37 -8.07
C ASN A 453 -4.16 7.12 -7.79
N ALA A 454 -4.23 8.42 -7.51
CA ALA A 454 -3.06 9.15 -7.07
C ALA A 454 -3.64 10.23 -6.17
N PRO A 455 -2.91 10.63 -5.14
CA PRO A 455 -3.42 11.65 -4.23
C PRO A 455 -3.50 13.02 -4.90
N GLN A 456 -4.45 13.83 -4.40
CA GLN A 456 -4.59 15.22 -4.84
C GLN A 456 -3.27 15.97 -4.76
N ALA A 457 -2.42 15.65 -3.78
CA ALA A 457 -1.16 16.34 -3.61
C ALA A 457 -0.25 16.22 -4.85
N GLU A 458 -0.46 15.19 -5.66
CA GLU A 458 0.36 14.99 -6.87
C GLU A 458 0.20 16.15 -7.84
N LEU A 459 -0.95 16.81 -7.82
CA LEU A 459 -1.14 17.99 -8.66
C LEU A 459 -0.29 19.17 -8.22
N GLY A 460 0.40 19.09 -7.08
CA GLY A 460 1.35 20.12 -6.70
C GLY A 460 2.79 19.68 -6.80
N SER A 461 3.02 18.46 -7.27
CA SER A 461 4.36 17.92 -7.38
C SER A 461 5.16 18.57 -8.50
N ASN A 462 6.49 18.48 -8.36
CA ASN A 462 7.38 18.89 -9.44
C ASN A 462 7.05 18.17 -10.74
N ARG A 463 6.75 16.88 -10.65
CA ARG A 463 6.36 16.09 -11.82
C ARG A 463 5.18 16.73 -12.55
N PHE A 464 4.13 17.10 -11.82
CA PHE A 464 2.97 17.67 -12.50
C PHE A 464 3.27 19.07 -13.02
N LEU A 465 3.90 19.90 -12.20
CA LEU A 465 4.17 21.26 -12.63
C LEU A 465 5.10 21.30 -13.83
N MET A 466 5.99 20.32 -13.96
CA MET A 466 6.82 20.28 -15.14
C MET A 466 6.05 19.74 -16.34
N ALA A 467 5.28 18.67 -16.13
CA ALA A 467 4.39 18.19 -17.19
C ALA A 467 3.52 19.32 -17.70
N MET A 468 2.97 20.10 -16.76
CA MET A 468 2.07 21.19 -17.08
C MET A 468 2.73 22.29 -17.91
N ARG A 469 4.04 22.45 -17.79
CA ARG A 469 4.72 23.50 -18.55
C ARG A 469 5.37 22.98 -19.82
N ALA A 470 5.96 21.80 -19.77
CA ALA A 470 6.74 21.28 -20.89
C ALA A 470 5.86 20.66 -21.97
N ASP A 471 4.69 20.13 -21.61
CA ASP A 471 3.86 19.42 -22.57
C ASP A 471 3.30 20.36 -23.64
N GLU A 472 3.01 19.81 -24.81
CA GLU A 472 2.26 20.57 -25.80
C GLU A 472 0.85 20.88 -25.28
N ARG A 473 0.20 21.87 -25.89
CA ARG A 473 -1.20 22.18 -25.58
C ARG A 473 -1.96 22.33 -26.88
N LEU A 474 -2.94 21.46 -27.09
CA LEU A 474 -3.70 21.47 -28.33
C LEU A 474 -4.56 22.72 -28.40
N PRO A 475 -5.03 23.07 -29.59
CA PRO A 475 -5.91 24.23 -29.73
C PRO A 475 -7.18 24.09 -28.92
N GLU A 476 -7.76 25.24 -28.59
CA GLU A 476 -9.02 25.26 -27.87
C GLU A 476 -10.09 24.66 -28.77
N LEU A 477 -10.91 23.76 -28.20
CA LEU A 477 -12.04 23.22 -28.93
C LEU A 477 -13.15 24.27 -28.90
N THR A 478 -13.69 24.60 -30.07
CA THR A 478 -14.74 25.61 -30.17
C THR A 478 -16.14 25.01 -30.23
N ALA A 479 -16.25 23.69 -30.17
CA ALA A 479 -17.53 22.99 -30.14
C ALA A 479 -17.30 21.68 -29.41
N PRO A 480 -18.35 21.09 -28.84
CA PRO A 480 -18.17 19.81 -28.13
C PRO A 480 -17.55 18.78 -29.06
N PRO A 481 -16.51 18.06 -28.61
CA PRO A 481 -15.77 17.16 -29.52
C PRO A 481 -16.50 15.84 -29.77
N PHE A 482 -17.71 15.93 -30.32
CA PHE A 482 -18.40 14.74 -30.82
C PHE A 482 -17.81 14.31 -32.16
N LEU A 483 -17.79 13.02 -32.41
CA LEU A 483 -17.52 12.53 -33.75
C LEU A 483 -18.80 12.56 -34.58
N PRO A 484 -18.68 12.61 -35.92
CA PRO A 484 -19.90 12.61 -36.75
C PRO A 484 -20.77 11.37 -36.54
N GLU A 485 -20.16 10.19 -36.43
CA GLU A 485 -20.93 8.99 -36.21
C GLU A 485 -21.71 9.02 -34.90
N GLU A 486 -21.17 9.68 -33.86
CA GLU A 486 -21.88 9.73 -32.59
C GLU A 486 -23.09 10.65 -32.68
N LEU A 487 -22.94 11.78 -33.38
CA LEU A 487 -24.08 12.66 -33.58
C LEU A 487 -25.14 11.98 -34.45
N ALA A 488 -24.73 11.03 -35.29
CA ALA A 488 -25.72 10.32 -36.10
C ALA A 488 -26.51 9.30 -35.28
N VAL A 489 -25.88 8.69 -34.26
CA VAL A 489 -26.60 7.72 -33.44
C VAL A 489 -27.76 8.39 -32.70
N VAL A 490 -27.61 9.66 -32.34
CA VAL A 490 -28.66 10.35 -31.56
C VAL A 490 -29.44 11.36 -32.39
N GLY A 491 -29.24 11.39 -33.71
CA GLY A 491 -30.03 12.23 -34.58
C GLY A 491 -29.84 13.72 -34.45
N LEU A 492 -28.58 14.18 -34.39
CA LEU A 492 -28.25 15.60 -34.29
C LEU A 492 -27.21 15.94 -35.34
N ASP A 493 -27.30 17.15 -35.90
CA ASP A 493 -26.39 17.62 -36.95
C ASP A 493 -25.29 18.52 -36.44
N ALA A 494 -25.53 19.24 -35.34
CA ALA A 494 -24.60 20.18 -34.74
C ALA A 494 -25.14 20.57 -33.38
N ALA A 495 -24.28 20.58 -32.37
CA ALA A 495 -24.72 20.84 -31.01
C ALA A 495 -25.29 22.26 -30.88
N THR B 19 6.27 25.19 3.19
CA THR B 19 6.77 25.12 1.83
C THR B 19 7.55 23.83 1.59
N ARG B 20 7.76 23.50 0.32
CA ARG B 20 8.36 22.23 -0.08
C ARG B 20 9.88 22.26 0.08
N PRO B 21 10.49 21.10 0.30
CA PRO B 21 11.96 21.03 0.23
C PRO B 21 12.44 21.28 -1.20
N ALA B 22 13.46 22.11 -1.34
CA ALA B 22 14.06 22.37 -2.64
C ALA B 22 15.40 21.68 -2.82
N HIS B 23 16.05 21.30 -1.72
CA HIS B 23 17.33 20.62 -1.78
C HIS B 23 17.36 19.51 -0.74
N ALA B 24 17.69 18.30 -1.18
CA ALA B 24 17.81 17.14 -0.32
C ALA B 24 19.20 16.54 -0.46
N VAL B 25 19.80 16.17 0.66
CA VAL B 25 21.11 15.50 0.66
C VAL B 25 20.96 14.16 1.37
N VAL B 26 21.38 13.09 0.70
CA VAL B 26 21.28 11.74 1.22
C VAL B 26 22.68 11.28 1.60
N LEU B 27 22.82 10.74 2.80
CA LEU B 27 24.11 10.29 3.32
C LEU B 27 24.26 8.81 2.98
N GLY B 28 25.14 8.49 2.05
CA GLY B 28 25.40 7.10 1.68
C GLY B 28 24.87 6.77 0.30
N ALA B 29 25.67 5.99 -0.46
CA ALA B 29 25.33 5.57 -1.81
C ALA B 29 25.30 4.06 -1.93
N SER B 30 24.99 3.39 -0.83
CA SER B 30 24.65 1.97 -0.84
C SER B 30 23.22 1.79 -1.34
N MET B 31 22.60 0.65 -0.99
CA MET B 31 21.27 0.35 -1.52
C MET B 31 20.23 1.36 -1.04
N ALA B 32 20.24 1.68 0.25
CA ALA B 32 19.25 2.60 0.79
C ALA B 32 19.39 3.99 0.20
N GLY B 33 20.61 4.53 0.19
CA GLY B 33 20.78 5.91 -0.27
C GLY B 33 20.61 6.08 -1.76
N THR B 34 21.06 5.08 -2.54
CA THR B 34 20.87 5.14 -3.99
C THR B 34 19.40 5.12 -4.37
N LEU B 35 18.60 4.27 -3.71
CA LEU B 35 17.17 4.24 -3.99
C LEU B 35 16.50 5.52 -3.52
N ALA B 36 16.88 6.01 -2.34
CA ALA B 36 16.28 7.24 -1.83
C ALA B 36 16.66 8.44 -2.70
N ALA B 37 17.91 8.46 -3.20
CA ALA B 37 18.34 9.53 -4.07
C ALA B 37 17.50 9.60 -5.34
N HIS B 38 17.33 8.47 -6.00
CA HIS B 38 16.51 8.43 -7.21
C HIS B 38 15.08 8.89 -6.92
N VAL B 39 14.50 8.39 -5.83
CA VAL B 39 13.12 8.73 -5.49
C VAL B 39 13.00 10.22 -5.16
N LEU B 40 13.93 10.74 -4.35
CA LEU B 40 13.84 12.16 -3.97
C LEU B 40 14.10 13.07 -5.16
N ALA B 41 14.87 12.60 -6.14
CA ALA B 41 15.11 13.41 -7.33
C ALA B 41 13.83 13.66 -8.12
N ARG B 42 12.81 12.82 -7.95
CA ARG B 42 11.54 13.07 -8.62
C ARG B 42 10.73 14.14 -7.92
N HIS B 43 10.99 14.37 -6.63
CA HIS B 43 10.15 15.26 -5.83
C HIS B 43 10.86 16.52 -5.35
N VAL B 44 12.18 16.61 -5.47
CA VAL B 44 12.97 17.73 -4.98
C VAL B 44 13.79 18.28 -6.14
N ASP B 45 13.93 19.61 -6.19
CA ASP B 45 14.61 20.23 -7.32
C ASP B 45 16.06 19.75 -7.42
N ALA B 46 16.76 19.68 -6.30
CA ALA B 46 18.15 19.25 -6.31
C ALA B 46 18.41 18.23 -5.20
N VAL B 47 19.13 17.17 -5.54
CA VAL B 47 19.57 16.18 -4.57
C VAL B 47 21.05 15.94 -4.77
N THR B 48 21.82 16.03 -3.69
CA THR B 48 23.23 15.65 -3.69
C THR B 48 23.43 14.48 -2.74
N VAL B 49 24.16 13.47 -3.19
CA VAL B 49 24.46 12.28 -2.39
C VAL B 49 25.93 12.29 -2.00
N VAL B 50 26.19 12.03 -0.72
CA VAL B 50 27.52 12.08 -0.14
C VAL B 50 27.99 10.64 0.10
N GLU B 51 29.06 10.23 -0.58
CA GLU B 51 29.58 8.87 -0.46
C GLU B 51 31.08 8.90 -0.18
N ARG B 52 31.49 8.13 0.84
CA ARG B 52 32.88 8.10 1.26
C ARG B 52 33.77 7.40 0.24
N ASP B 53 33.31 6.29 -0.31
CA ASP B 53 34.12 5.55 -1.25
C ASP B 53 34.05 6.16 -2.64
N ALA B 54 34.95 5.71 -3.50
CA ALA B 54 34.80 5.88 -4.93
C ALA B 54 33.92 4.76 -5.44
N LEU B 55 33.03 5.08 -6.37
CA LEU B 55 32.20 4.04 -6.92
C LEU B 55 32.64 3.73 -8.32
N PRO B 56 33.00 2.48 -8.58
CA PRO B 56 33.44 2.10 -9.93
C PRO B 56 32.26 1.85 -10.85
N GLU B 57 32.48 2.04 -12.15
CA GLU B 57 31.47 1.64 -13.12
C GLU B 57 31.73 0.25 -13.67
N GLU B 58 32.63 -0.50 -13.05
CA GLU B 58 32.65 -1.94 -13.18
C GLU B 58 32.50 -2.56 -11.79
N PRO B 59 31.91 -3.75 -11.69
CA PRO B 59 31.58 -4.32 -10.36
C PRO B 59 32.79 -4.64 -9.49
N GLN B 60 33.05 -3.82 -8.45
CA GLN B 60 34.15 -4.08 -7.54
C GLN B 60 33.69 -3.88 -6.11
N HIS B 61 34.24 -4.69 -5.21
CA HIS B 61 33.96 -4.52 -3.80
C HIS B 61 34.56 -3.19 -3.33
N ARG B 62 33.98 -2.63 -2.28
CA ARG B 62 34.48 -1.36 -1.78
C ARG B 62 34.42 -1.33 -0.25
N LYS B 63 35.14 -0.34 0.29
CA LYS B 63 35.35 -0.22 1.72
C LYS B 63 34.03 -0.07 2.49
N GLY B 64 33.06 0.67 1.93
CA GLY B 64 31.84 1.00 2.64
C GLY B 64 30.82 -0.12 2.75
N VAL B 65 30.92 -1.13 1.90
CA VAL B 65 29.99 -2.26 1.90
C VAL B 65 30.76 -3.53 2.23
N PRO B 66 31.19 -3.72 3.48
CA PRO B 66 31.97 -4.93 3.81
C PRO B 66 31.19 -6.22 3.71
N GLN B 67 29.85 -6.19 3.87
CA GLN B 67 29.07 -7.41 3.75
C GLN B 67 28.89 -7.87 2.31
N ALA B 68 29.23 -7.03 1.33
CA ALA B 68 29.09 -7.42 -0.06
C ALA B 68 29.88 -8.66 -0.42
N ARG B 69 30.88 -9.03 0.41
CA ARG B 69 31.64 -10.26 0.20
C ARG B 69 30.84 -11.51 0.56
N HIS B 70 29.70 -11.37 1.22
CA HIS B 70 28.91 -12.49 1.68
C HIS B 70 27.65 -12.65 0.83
N ALA B 71 27.01 -13.81 0.97
CA ALA B 71 25.82 -14.10 0.18
C ALA B 71 24.76 -13.03 0.36
N HIS B 72 24.26 -12.51 -0.76
CA HIS B 72 23.17 -11.55 -0.76
C HIS B 72 22.09 -12.06 -1.69
N LEU B 73 20.89 -12.22 -1.15
CA LEU B 73 19.70 -12.63 -1.88
C LEU B 73 18.79 -11.43 -1.96
N LEU B 74 18.37 -11.06 -3.16
CA LEU B 74 17.39 -9.99 -3.32
C LEU B 74 16.02 -10.65 -3.43
N TRP B 75 15.31 -10.70 -2.30
CA TRP B 75 13.99 -11.34 -2.31
C TRP B 75 13.05 -10.62 -3.27
N SER B 76 12.04 -11.35 -3.73
CA SER B 76 11.11 -10.81 -4.73
C SER B 76 10.47 -9.51 -4.28
N ASN B 77 10.22 -9.33 -2.97
CA ASN B 77 9.67 -8.05 -2.51
C ASN B 77 10.61 -6.90 -2.87
N GLY B 78 11.88 -6.99 -2.48
CA GLY B 78 12.83 -5.94 -2.86
C GLY B 78 13.01 -5.84 -4.35
N ALA B 79 13.08 -6.99 -5.04
CA ALA B 79 13.28 -6.99 -6.48
C ALA B 79 12.13 -6.31 -7.21
N ARG B 80 10.88 -6.61 -6.82
CA ARG B 80 9.76 -5.99 -7.50
C ARG B 80 9.71 -4.50 -7.21
N LEU B 81 10.03 -4.12 -5.96
CA LEU B 81 10.01 -2.70 -5.63
C LEU B 81 11.10 -1.95 -6.39
N ILE B 82 12.30 -2.53 -6.51
CA ILE B 82 13.35 -1.88 -7.28
C ILE B 82 12.95 -1.80 -8.75
N GLU B 83 12.38 -2.88 -9.28
CA GLU B 83 11.98 -2.89 -10.69
C GLU B 83 10.93 -1.81 -10.98
N GLU B 84 10.05 -1.52 -10.01
CA GLU B 84 9.01 -0.53 -10.21
C GLU B 84 9.57 0.89 -10.16
N MET B 85 10.56 1.13 -9.31
CA MET B 85 11.23 2.42 -9.28
C MET B 85 12.15 2.60 -10.48
N LEU B 86 12.83 1.53 -10.91
CA LEU B 86 13.89 1.58 -11.93
C LEU B 86 13.63 0.49 -12.96
N PRO B 87 12.67 0.70 -13.87
CA PRO B 87 12.32 -0.35 -14.83
C PRO B 87 13.51 -0.82 -15.65
N GLY B 88 13.50 -2.11 -15.98
CA GLY B 88 14.55 -2.72 -16.74
C GLY B 88 15.73 -3.19 -15.92
N THR B 89 15.78 -2.88 -14.62
CA THR B 89 16.91 -3.29 -13.80
C THR B 89 17.07 -4.81 -13.75
N THR B 90 15.95 -5.56 -13.72
CA THR B 90 16.05 -7.02 -13.59
C THR B 90 16.54 -7.68 -14.88
N ASP B 91 15.90 -7.36 -16.02
CA ASP B 91 16.36 -7.87 -17.31
C ASP B 91 17.83 -7.60 -17.50
N ARG B 92 18.21 -6.39 -17.05
CA ARG B 92 19.61 -5.90 -17.12
C ARG B 92 20.46 -6.84 -16.27
N LEU B 93 19.99 -7.12 -15.05
CA LEU B 93 20.71 -8.06 -14.19
C LEU B 93 20.79 -9.45 -14.81
N LEU B 94 19.70 -9.91 -15.43
CA LEU B 94 19.70 -11.24 -16.04
C LEU B 94 20.71 -11.30 -17.20
N ALA B 95 20.81 -10.23 -17.97
CA ALA B 95 21.82 -10.18 -19.02
C ALA B 95 23.24 -10.18 -18.47
N ALA B 96 23.45 -9.62 -17.28
CA ALA B 96 24.76 -9.61 -16.65
C ALA B 96 25.05 -10.90 -15.88
N GLY B 97 24.17 -11.90 -15.95
CA GLY B 97 24.46 -13.23 -15.43
C GLY B 97 23.83 -13.59 -14.10
N ALA B 98 23.05 -12.69 -13.48
CA ALA B 98 22.36 -13.03 -12.24
C ALA B 98 21.38 -14.16 -12.48
N ARG B 99 21.10 -14.92 -11.43
CA ARG B 99 20.14 -16.01 -11.54
C ARG B 99 18.90 -15.69 -10.72
N ARG B 100 17.74 -15.99 -11.32
CA ARG B 100 16.45 -15.86 -10.65
C ARG B 100 16.15 -17.21 -10.02
N LEU B 101 16.46 -17.36 -8.73
CA LEU B 101 16.16 -18.60 -8.02
C LEU B 101 14.69 -18.64 -7.64
N GLY B 102 14.00 -19.71 -8.07
CA GLY B 102 12.63 -19.95 -7.65
C GLY B 102 12.60 -20.76 -6.38
N PHE B 103 11.75 -20.33 -5.42
CA PHE B 103 11.57 -20.98 -4.13
C PHE B 103 10.23 -21.68 -4.09
N PRO B 104 10.16 -22.93 -3.62
CA PRO B 104 11.31 -23.69 -3.12
C PRO B 104 11.98 -24.55 -4.20
N GLU B 105 11.52 -24.40 -5.44
CA GLU B 105 11.85 -25.32 -6.52
C GLU B 105 13.37 -25.39 -6.78
N ASP B 106 14.04 -24.24 -6.83
CA ASP B 106 15.44 -24.22 -7.25
C ASP B 106 16.41 -24.36 -6.09
N LEU B 107 15.96 -24.87 -4.95
CA LEU B 107 16.84 -25.01 -3.79
C LEU B 107 16.67 -26.40 -3.18
N VAL B 108 17.77 -26.91 -2.64
CA VAL B 108 17.82 -28.10 -1.81
C VAL B 108 18.06 -27.60 -0.40
N THR B 109 17.04 -27.65 0.45
CA THR B 109 17.05 -27.01 1.75
C THR B 109 16.81 -28.04 2.84
N LEU B 110 17.65 -28.04 3.87
CA LEU B 110 17.42 -28.84 5.06
C LEU B 110 16.97 -27.94 6.20
N THR B 111 15.78 -28.18 6.72
CA THR B 111 15.29 -27.49 7.90
C THR B 111 15.45 -28.41 9.09
N GLY B 112 15.12 -27.90 10.27
CA GLY B 112 15.05 -28.73 11.46
C GLY B 112 14.00 -29.83 11.39
N GLN B 113 13.09 -29.77 10.43
CA GLN B 113 12.08 -30.82 10.30
C GLN B 113 12.36 -31.77 9.15
N GLY B 114 13.42 -31.53 8.38
CA GLY B 114 13.76 -32.40 7.27
C GLY B 114 13.90 -31.61 5.99
N TRP B 115 13.95 -32.33 4.88
CA TRP B 115 14.24 -31.71 3.58
C TRP B 115 13.00 -31.03 3.01
N GLN B 116 13.19 -29.86 2.41
CA GLN B 116 12.11 -29.17 1.73
C GLN B 116 11.77 -29.89 0.43
N HIS B 117 10.50 -30.26 0.25
CA HIS B 117 10.05 -30.71 -1.06
C HIS B 117 10.17 -29.54 -2.02
N ARG B 118 10.71 -29.80 -3.22
CA ARG B 118 10.96 -28.74 -4.19
C ARG B 118 9.70 -28.51 -5.02
N PHE B 119 8.66 -28.02 -4.32
CA PHE B 119 7.42 -27.69 -5.00
C PHE B 119 7.71 -26.64 -6.08
N PRO B 120 6.88 -26.59 -7.12
CA PRO B 120 7.03 -25.53 -8.13
C PRO B 120 7.10 -24.17 -7.46
N ALA B 121 7.99 -23.32 -7.98
CA ALA B 121 8.33 -22.06 -7.33
C ALA B 121 7.11 -21.17 -7.16
N THR B 122 6.93 -20.62 -5.95
CA THR B 122 5.87 -19.67 -5.68
C THR B 122 6.38 -18.27 -5.39
N GLN B 123 7.68 -18.12 -5.12
CA GLN B 123 8.34 -16.84 -5.05
C GLN B 123 9.71 -16.99 -5.69
N PHE B 124 10.46 -15.91 -5.73
CA PHE B 124 11.81 -15.93 -6.28
C PHE B 124 12.69 -14.95 -5.53
N ALA B 125 13.98 -15.08 -5.78
CA ALA B 125 14.96 -14.12 -5.36
C ALA B 125 16.01 -14.02 -6.46
N LEU B 126 16.52 -12.82 -6.68
CA LEU B 126 17.63 -12.61 -7.61
C LEU B 126 18.93 -12.84 -6.86
N VAL B 127 19.83 -13.62 -7.45
CA VAL B 127 21.11 -13.88 -6.81
C VAL B 127 22.23 -13.52 -7.79
N ALA B 128 23.19 -12.76 -7.28
CA ALA B 128 24.38 -12.34 -8.00
C ALA B 128 25.31 -11.76 -6.93
N SER B 129 26.54 -11.46 -7.35
CA SER B 129 27.44 -10.78 -6.44
C SER B 129 26.83 -9.44 -6.06
N ARG B 130 26.95 -9.09 -4.78
CA ARG B 130 26.43 -7.80 -4.34
C ARG B 130 27.04 -6.62 -5.10
N PRO B 131 28.35 -6.57 -5.38
CA PRO B 131 28.87 -5.42 -6.16
C PRO B 131 28.26 -5.30 -7.55
N LEU B 132 27.93 -6.43 -8.21
CA LEU B 132 27.24 -6.33 -9.49
C LEU B 132 25.85 -5.71 -9.34
N LEU B 133 25.11 -6.10 -8.29
CA LEU B 133 23.78 -5.54 -8.13
C LEU B 133 23.85 -4.06 -7.78
N ASP B 134 24.82 -3.68 -6.92
CA ASP B 134 24.99 -2.28 -6.56
C ASP B 134 25.32 -1.44 -7.80
N LEU B 135 26.22 -1.92 -8.64
CA LEU B 135 26.58 -1.21 -9.86
C LEU B 135 25.36 -1.06 -10.76
N THR B 136 24.62 -2.15 -10.95
CA THR B 136 23.46 -2.12 -11.84
C THR B 136 22.43 -1.10 -11.35
N VAL B 137 22.24 -1.03 -10.03
CA VAL B 137 21.26 -0.08 -9.47
C VAL B 137 21.79 1.35 -9.55
N ARG B 138 23.07 1.54 -9.22
CA ARG B 138 23.65 2.89 -9.29
C ARG B 138 23.59 3.44 -10.71
N GLN B 139 23.87 2.60 -11.71
CA GLN B 139 23.81 3.06 -13.09
C GLN B 139 22.40 3.46 -13.48
N GLN B 140 21.40 2.70 -13.06
CA GLN B 140 20.02 3.05 -13.40
C GLN B 140 19.53 4.28 -12.64
N ALA B 141 20.08 4.54 -11.45
CA ALA B 141 19.46 5.45 -10.50
C ALA B 141 20.11 6.83 -10.40
N LEU B 142 21.42 6.94 -10.65
CA LEU B 142 22.14 8.18 -10.41
C LEU B 142 22.41 8.98 -11.68
N GLY B 143 21.79 8.61 -12.82
CA GLY B 143 21.99 9.35 -14.04
C GLY B 143 21.13 10.59 -14.22
N ALA B 144 20.19 10.84 -13.30
CA ALA B 144 19.36 12.03 -13.40
C ALA B 144 20.19 13.29 -13.33
N ASP B 145 19.76 14.32 -14.06
CA ASP B 145 20.55 15.55 -14.15
C ASP B 145 20.48 16.38 -12.88
N ASN B 146 19.48 16.17 -12.03
CA ASN B 146 19.41 16.87 -10.77
C ASN B 146 19.99 16.07 -9.62
N ILE B 147 20.71 15.00 -9.92
CA ILE B 147 21.46 14.25 -8.93
C ILE B 147 22.93 14.56 -9.15
N THR B 148 23.57 15.09 -8.12
CA THR B 148 25.00 15.29 -8.11
C THR B 148 25.59 14.34 -7.09
N VAL B 149 26.53 13.50 -7.52
CA VAL B 149 27.13 12.50 -6.65
C VAL B 149 28.51 13.01 -6.23
N ARG B 150 28.70 13.19 -4.93
CA ARG B 150 29.99 13.62 -4.40
C ARG B 150 30.66 12.42 -3.75
N GLN B 151 31.48 11.73 -4.56
CA GLN B 151 32.31 10.65 -4.07
C GLN B 151 33.44 11.21 -3.20
N ARG B 152 34.14 10.30 -2.53
CA ARG B 152 35.25 10.64 -1.65
C ARG B 152 34.90 11.82 -0.74
N THR B 153 33.71 11.76 -0.17
CA THR B 153 33.24 12.81 0.73
C THR B 153 32.53 12.18 1.91
N GLU B 154 32.83 12.68 3.10
CA GLU B 154 32.35 12.10 4.34
C GLU B 154 31.52 13.12 5.13
N ALA B 155 30.41 12.65 5.70
CA ALA B 155 29.58 13.47 6.56
C ALA B 155 30.12 13.45 7.99
N VAL B 156 30.38 14.63 8.54
CA VAL B 156 31.04 14.74 9.84
C VAL B 156 30.04 14.70 11.00
N GLU B 157 29.04 15.57 10.95
CA GLU B 157 27.96 15.71 11.91
C GLU B 157 26.91 16.54 11.22
N LEU B 158 25.74 16.68 11.82
CA LEU B 158 24.72 17.53 11.23
C LEU B 158 24.51 18.78 12.08
N THR B 159 24.03 19.82 11.41
CA THR B 159 23.70 21.13 11.97
C THR B 159 22.20 21.35 11.94
N GLY B 160 21.68 22.11 12.90
CA GLY B 160 20.24 22.36 12.90
C GLY B 160 19.85 23.21 14.09
N SER B 161 18.54 23.37 14.25
CA SER B 161 18.00 24.20 15.32
C SER B 161 17.45 23.33 16.43
N GLY B 162 18.31 22.47 16.99
CA GLY B 162 17.90 21.52 18.01
C GLY B 162 17.71 22.12 19.38
N GLY B 163 17.98 21.31 20.40
CA GLY B 163 17.74 21.68 21.78
C GLY B 163 16.33 21.42 22.26
N GLY B 164 15.48 20.84 21.42
CA GLY B 164 14.10 20.56 21.78
C GLY B 164 13.16 21.69 21.40
N SER B 165 11.94 21.60 21.95
CA SER B 165 10.82 22.51 21.67
C SER B 165 10.31 22.31 20.24
N GLY B 166 10.96 21.45 19.47
CA GLY B 166 10.61 21.20 18.09
C GLY B 166 11.68 21.73 17.16
N GLY B 167 12.84 21.10 17.19
CA GLY B 167 13.96 21.48 16.38
C GLY B 167 13.79 21.16 14.91
N ARG B 168 14.76 21.61 14.14
CA ARG B 168 14.83 21.35 12.71
C ARG B 168 16.28 21.07 12.35
N VAL B 169 16.50 20.15 11.43
CA VAL B 169 17.82 19.91 10.87
C VAL B 169 17.99 20.80 9.65
N THR B 170 19.13 21.48 9.56
CA THR B 170 19.37 22.46 8.50
C THR B 170 20.46 22.05 7.50
N GLY B 171 21.26 21.04 7.81
CA GLY B 171 22.32 20.62 6.89
C GLY B 171 23.30 19.69 7.56
N VAL B 172 24.44 19.46 6.89
CA VAL B 172 25.41 18.46 7.34
C VAL B 172 26.82 18.99 7.09
N VAL B 173 27.73 18.75 8.03
CA VAL B 173 29.15 19.01 7.87
C VAL B 173 29.75 17.88 7.04
N VAL B 174 30.38 18.25 5.92
CA VAL B 174 31.05 17.28 5.07
C VAL B 174 32.54 17.58 5.01
N ARG B 175 33.33 16.55 4.71
CA ARG B 175 34.78 16.65 4.58
C ARG B 175 35.22 15.92 3.31
N ASP B 176 35.88 16.64 2.41
CA ASP B 176 36.47 16.02 1.22
C ASP B 176 37.71 15.23 1.62
N LEU B 177 37.85 14.03 1.04
CA LEU B 177 38.89 13.10 1.44
C LEU B 177 40.15 13.09 0.57
N ASP B 178 40.15 13.76 -0.58
CA ASP B 178 41.40 13.84 -1.32
C ASP B 178 42.29 14.98 -0.83
N SER B 179 41.67 16.07 -0.36
CA SER B 179 42.34 17.10 0.42
C SER B 179 41.32 17.54 1.47
N GLY B 180 41.59 17.23 2.75
CA GLY B 180 40.63 17.30 3.84
C GLY B 180 39.88 18.60 4.05
N ARG B 181 39.59 19.42 3.04
CA ARG B 181 38.84 20.69 3.16
C ARG B 181 37.39 20.34 3.47
N GLN B 182 36.74 21.20 4.24
CA GLN B 182 35.36 21.00 4.69
C GLN B 182 34.38 22.00 4.07
N GLU B 183 33.07 21.76 4.27
CA GLU B 183 32.02 22.54 3.65
C GLU B 183 30.73 22.28 4.42
N GLN B 184 30.04 23.33 4.83
CA GLN B 184 28.79 23.12 5.56
C GLN B 184 27.68 23.06 4.50
N LEU B 185 27.21 21.81 4.28
CA LEU B 185 26.27 21.37 3.24
C LEU B 185 24.88 21.73 3.71
N GLU B 186 24.34 22.81 3.20
CA GLU B 186 23.08 23.25 3.72
C GLU B 186 21.96 22.70 2.83
N ALA B 187 20.82 22.39 3.43
CA ALA B 187 19.79 21.63 2.76
C ALA B 187 18.44 21.69 3.51
N ASP B 188 17.36 21.47 2.75
CA ASP B 188 16.01 21.40 3.33
C ASP B 188 15.68 20.06 3.95
N LEU B 189 16.33 18.97 3.54
CA LEU B 189 16.02 17.67 4.10
C LEU B 189 17.27 16.81 4.04
N VAL B 190 17.52 16.06 5.12
CA VAL B 190 18.71 15.23 5.24
C VAL B 190 18.29 13.78 5.45
N ILE B 191 18.90 12.89 4.65
CA ILE B 191 18.59 11.47 4.63
C ILE B 191 19.80 10.69 5.14
N ASP B 192 19.60 10.00 6.27
CA ASP B 192 20.62 9.12 6.81
C ASP B 192 20.48 7.72 6.24
N ALA B 193 21.35 7.36 5.29
CA ALA B 193 21.45 6.01 4.74
C ALA B 193 22.87 5.47 4.89
N THR B 194 23.54 5.92 5.97
CA THR B 194 24.96 5.58 6.24
C THR B 194 25.17 4.09 6.51
N GLY B 195 24.11 3.34 6.84
CA GLY B 195 24.30 1.92 7.13
C GLY B 195 24.14 1.56 8.59
N ARG B 196 24.50 0.31 8.89
CA ARG B 196 24.36 -0.21 10.25
C ARG B 196 25.32 0.47 11.21
N GLY B 197 26.52 0.80 10.75
CA GLY B 197 27.50 1.44 11.61
C GLY B 197 27.32 2.94 11.56
N SER B 198 26.10 3.42 11.37
CA SER B 198 25.92 4.84 11.08
C SER B 198 26.08 5.75 12.29
N ARG B 199 26.56 6.97 12.01
CA ARG B 199 26.81 7.98 13.09
C ARG B 199 25.54 8.80 13.34
N LEU B 200 24.38 8.15 13.38
CA LEU B 200 23.14 8.85 13.63
C LEU B 200 22.93 9.16 15.12
N LYS B 201 23.21 8.21 16.04
CA LYS B 201 22.81 8.51 17.42
C LYS B 201 23.84 9.44 18.08
N GLN B 202 25.04 9.54 17.53
CA GLN B 202 25.94 10.53 18.10
C GLN B 202 25.58 11.93 17.57
N TRP B 203 25.09 12.03 16.32
CA TRP B 203 24.67 13.32 15.77
C TRP B 203 23.41 13.83 16.45
N LEU B 204 22.53 12.88 16.80
CA LEU B 204 21.27 13.17 17.52
C LEU B 204 21.66 13.81 18.86
N ALA B 205 22.66 13.23 19.53
CA ALA B 205 23.15 13.80 20.78
C ALA B 205 23.73 15.20 20.57
N ALA B 206 24.48 15.40 19.47
CA ALA B 206 25.18 16.66 19.28
C ALA B 206 24.23 17.84 19.10
N LEU B 207 22.97 17.56 18.72
CA LEU B 207 21.95 18.62 18.52
C LEU B 207 21.07 18.73 19.78
N GLY B 208 21.23 17.81 20.75
CA GLY B 208 20.45 17.85 21.96
C GLY B 208 19.07 17.24 21.92
N VAL B 209 18.72 16.48 20.88
CA VAL B 209 17.43 15.80 20.85
C VAL B 209 17.55 14.54 21.71
N PRO B 210 16.54 14.22 22.55
CA PRO B 210 16.66 13.05 23.42
C PRO B 210 16.80 11.75 22.63
N ALA B 211 17.28 10.73 23.33
CA ALA B 211 17.62 9.47 22.70
C ALA B 211 16.36 8.72 22.27
N LEU B 212 16.50 7.93 21.20
CA LEU B 212 15.40 7.16 20.65
C LEU B 212 15.18 5.87 21.43
N GLU B 213 13.98 5.33 21.28
CA GLU B 213 13.72 3.98 21.76
C GLU B 213 14.27 2.97 20.76
N GLU B 214 14.75 1.86 21.28
CA GLU B 214 15.52 0.90 20.49
C GLU B 214 15.22 -0.49 20.99
N ASP B 215 14.67 -1.33 20.12
CA ASP B 215 14.52 -2.74 20.41
C ASP B 215 15.70 -3.51 19.83
N VAL B 216 16.18 -4.49 20.58
CA VAL B 216 17.32 -5.29 20.17
C VAL B 216 17.01 -6.76 20.43
N VAL B 217 17.23 -7.59 19.42
CA VAL B 217 17.30 -9.03 19.59
C VAL B 217 18.56 -9.49 18.88
N ASP B 218 19.60 -9.83 19.65
CA ASP B 218 20.93 -10.13 19.11
C ASP B 218 21.26 -11.58 19.44
N ALA B 219 21.13 -12.45 18.44
CA ALA B 219 21.56 -13.83 18.56
C ALA B 219 23.03 -14.02 18.18
N GLY B 220 23.75 -12.93 17.93
CA GLY B 220 25.18 -13.02 17.71
C GLY B 220 25.56 -13.82 16.48
N VAL B 221 24.88 -13.61 15.38
CA VAL B 221 25.14 -14.40 14.19
C VAL B 221 26.45 -13.88 13.59
N ALA B 222 27.29 -14.78 13.11
CA ALA B 222 28.49 -14.36 12.40
C ALA B 222 28.63 -15.18 11.14
N TYR B 223 29.37 -14.63 10.17
CA TYR B 223 29.43 -15.19 8.83
C TYR B 223 30.84 -15.63 8.47
N ALA B 224 30.95 -16.45 7.42
CA ALA B 224 32.23 -16.80 6.83
C ALA B 224 31.98 -17.27 5.40
N THR B 225 32.46 -16.51 4.42
CA THR B 225 32.13 -16.71 3.02
C THR B 225 33.38 -17.04 2.23
N ARG B 226 33.25 -17.95 1.28
CA ARG B 226 34.28 -18.11 0.27
C ARG B 226 33.61 -18.40 -1.06
N LEU B 227 34.27 -18.00 -2.14
CA LEU B 227 33.75 -18.25 -3.47
C LEU B 227 34.58 -19.32 -4.16
N PHE B 228 33.89 -20.15 -4.94
CA PHE B 228 34.47 -21.27 -5.65
C PHE B 228 34.06 -21.17 -7.11
N LYS B 229 34.76 -21.87 -7.98
CA LYS B 229 34.35 -21.93 -9.37
C LYS B 229 33.47 -23.16 -9.54
N ALA B 230 32.28 -22.96 -10.00
CA ALA B 230 31.33 -24.05 -10.10
C ALA B 230 31.66 -24.94 -11.29
N PRO B 231 31.33 -26.22 -11.21
CA PRO B 231 31.41 -27.07 -12.38
C PRO B 231 30.66 -26.45 -13.54
N PRO B 232 31.16 -26.63 -14.76
CA PRO B 232 30.50 -26.00 -15.93
C PRO B 232 29.01 -26.33 -15.98
N GLY B 233 28.20 -25.28 -16.12
CA GLY B 233 26.76 -25.42 -16.18
C GLY B 233 26.05 -25.52 -14.85
N ALA B 234 26.79 -25.60 -13.74
CA ALA B 234 26.14 -25.76 -12.45
C ALA B 234 25.36 -24.50 -12.03
N THR B 235 25.81 -23.31 -12.44
CA THR B 235 25.13 -22.09 -12.05
C THR B 235 23.77 -21.92 -12.73
N THR B 236 23.46 -22.70 -13.77
CA THR B 236 22.15 -22.81 -14.45
C THR B 236 21.47 -24.16 -14.36
N HIS B 237 22.21 -25.28 -14.27
CA HIS B 237 21.54 -26.57 -14.25
C HIS B 237 21.74 -27.30 -12.92
N PHE B 238 22.09 -26.58 -11.85
CA PHE B 238 22.24 -27.14 -10.52
C PHE B 238 21.62 -26.19 -9.49
N PRO B 239 20.93 -26.72 -8.48
CA PRO B 239 20.27 -25.85 -7.50
C PRO B 239 21.27 -25.24 -6.52
N ALA B 240 20.78 -24.22 -5.81
CA ALA B 240 21.43 -23.81 -4.58
C ALA B 240 21.12 -24.82 -3.47
N VAL B 241 21.98 -24.82 -2.45
CA VAL B 241 21.88 -25.76 -1.34
C VAL B 241 21.97 -24.98 -0.04
N ASN B 242 21.04 -25.23 0.88
CA ASN B 242 20.95 -24.48 2.13
C ASN B 242 20.74 -25.48 3.26
N ILE B 243 21.69 -25.52 4.19
CA ILE B 243 21.63 -26.37 5.38
C ILE B 243 21.34 -25.48 6.58
N ALA B 244 20.15 -25.62 7.15
CA ALA B 244 19.69 -24.74 8.23
C ALA B 244 19.12 -25.61 9.36
N ALA B 245 19.88 -25.78 10.45
CA ALA B 245 19.40 -26.59 11.58
C ALA B 245 18.68 -25.65 12.53
N ASP B 246 17.35 -25.78 12.55
CA ASP B 246 16.44 -24.97 13.35
C ASP B 246 16.75 -24.89 14.84
N ASP B 247 17.62 -25.77 15.34
CA ASP B 247 17.79 -25.89 16.78
C ASP B 247 18.33 -24.65 17.49
N ARG B 248 17.46 -24.07 18.29
CA ARG B 248 17.64 -22.78 18.95
C ARG B 248 17.85 -22.92 20.45
N VAL B 249 16.97 -23.68 21.11
CA VAL B 249 16.87 -23.72 22.56
C VAL B 249 17.70 -24.86 23.17
N ARG B 250 18.43 -25.63 22.36
CA ARG B 250 19.33 -26.62 22.96
C ARG B 250 20.80 -26.46 22.59
N GLU B 251 21.11 -25.70 21.54
CA GLU B 251 22.45 -25.68 20.96
C GLU B 251 22.54 -24.44 20.08
N PRO B 252 23.64 -23.71 20.09
CA PRO B 252 23.78 -22.62 19.11
C PRO B 252 23.63 -23.16 17.71
N GLY B 253 22.95 -22.38 16.86
CA GLY B 253 22.75 -22.80 15.50
C GLY B 253 24.04 -22.76 14.70
N ARG B 254 24.15 -23.68 13.75
CA ARG B 254 25.22 -23.67 12.77
C ARG B 254 24.62 -23.98 11.41
N PHE B 255 24.93 -23.15 10.43
CA PHE B 255 24.28 -23.21 9.13
C PHE B 255 25.30 -23.00 8.02
N GLY B 256 24.90 -23.35 6.81
CA GLY B 256 25.70 -23.09 5.63
C GLY B 256 24.90 -23.11 4.35
N VAL B 257 25.24 -22.24 3.40
CA VAL B 257 24.53 -22.15 2.13
C VAL B 257 25.53 -21.90 1.01
N VAL B 258 25.23 -22.44 -0.17
CA VAL B 258 25.96 -22.17 -1.41
C VAL B 258 24.98 -21.70 -2.49
N TYR B 259 25.16 -20.45 -2.98
CA TYR B 259 24.34 -19.87 -4.04
C TYR B 259 25.14 -19.74 -5.32
N PRO B 260 24.50 -19.84 -6.49
CA PRO B 260 25.17 -19.52 -7.75
C PRO B 260 25.17 -18.03 -8.02
N ILE B 261 26.26 -17.54 -8.63
CA ILE B 261 26.37 -16.16 -9.03
C ILE B 261 26.86 -16.08 -10.48
N GLU B 262 27.02 -14.87 -10.98
CA GLU B 262 27.42 -14.68 -12.37
C GLU B 262 28.87 -15.08 -12.59
N GLY B 263 29.17 -15.49 -13.81
CA GLY B 263 30.51 -15.93 -14.14
C GLY B 263 30.80 -17.39 -13.85
N GLY B 264 29.78 -18.23 -13.76
CA GLY B 264 29.99 -19.63 -13.45
C GLY B 264 30.63 -19.90 -12.10
N ARG B 265 30.25 -19.11 -11.09
CA ARG B 265 30.88 -19.26 -9.74
C ARG B 265 29.82 -19.50 -8.66
N TRP B 266 30.23 -20.27 -7.63
CA TRP B 266 29.47 -20.62 -6.44
C TRP B 266 29.93 -19.73 -5.29
N LEU B 267 28.97 -19.07 -4.63
CA LEU B 267 29.25 -18.26 -3.45
C LEU B 267 28.79 -19.04 -2.23
N ALA B 268 29.74 -19.45 -1.39
CA ALA B 268 29.48 -20.31 -0.25
C ALA B 268 29.61 -19.51 1.04
N THR B 269 28.54 -19.50 1.84
CA THR B 269 28.52 -18.74 3.08
C THR B 269 28.13 -19.65 4.24
N LEU B 270 28.97 -19.69 5.28
CA LEU B 270 28.71 -20.39 6.52
C LEU B 270 28.35 -19.38 7.61
N SER B 271 27.53 -19.81 8.56
CA SER B 271 27.14 -18.92 9.65
C SER B 271 26.86 -19.75 10.90
N CYS B 272 26.89 -19.08 12.05
CA CYS B 272 26.59 -19.71 13.31
C CYS B 272 26.13 -18.63 14.29
N THR B 273 25.51 -19.08 15.38
CA THR B 273 25.07 -18.20 16.44
C THR B 273 26.08 -18.22 17.59
N ARG B 274 25.82 -17.35 18.56
CA ARG B 274 26.69 -17.22 19.72
C ARG B 274 26.76 -18.52 20.50
N GLY B 275 27.98 -18.99 20.77
CA GLY B 275 28.21 -20.25 21.43
C GLY B 275 28.89 -21.27 20.53
N ALA B 276 28.73 -21.13 19.23
CA ALA B 276 29.48 -21.90 18.25
C ALA B 276 30.58 -21.02 17.70
N GLN B 277 31.59 -21.65 17.08
CA GLN B 277 32.73 -20.92 16.55
C GLN B 277 32.90 -21.25 15.07
N LEU B 278 33.18 -20.22 14.29
CA LEU B 278 33.25 -20.17 12.85
C LEU B 278 34.62 -20.59 12.34
N PRO B 279 34.69 -21.04 11.09
CA PRO B 279 36.00 -21.14 10.42
C PRO B 279 36.62 -19.77 10.28
N THR B 280 37.88 -19.64 10.69
CA THR B 280 38.67 -18.46 10.35
C THR B 280 39.85 -18.75 9.42
N HIS B 281 40.36 -19.99 9.35
CA HIS B 281 41.39 -20.37 8.42
C HIS B 281 40.76 -21.13 7.25
N GLU B 282 41.40 -21.04 6.07
CA GLU B 282 40.82 -21.66 4.86
C GLU B 282 40.55 -23.13 5.12
N ASP B 283 41.50 -23.79 5.78
CA ASP B 283 41.53 -25.24 5.92
C ASP B 283 40.52 -25.78 6.91
N GLU B 284 39.94 -24.94 7.76
CA GLU B 284 38.92 -25.39 8.70
C GLU B 284 37.51 -25.07 8.19
N PHE B 285 37.39 -24.52 6.99
CA PHE B 285 36.11 -24.12 6.41
C PHE B 285 35.28 -25.33 6.03
N ILE B 286 35.80 -26.17 5.14
CA ILE B 286 35.05 -27.35 4.66
C ILE B 286 34.71 -28.26 5.83
N PRO B 287 35.58 -28.48 6.83
CA PRO B 287 35.15 -29.29 7.99
C PRO B 287 33.97 -28.72 8.75
N PHE B 288 33.76 -27.39 8.76
CA PHE B 288 32.53 -26.86 9.31
C PHE B 288 31.34 -27.32 8.47
N ALA B 289 31.47 -27.20 7.15
CA ALA B 289 30.45 -27.76 6.26
C ALA B 289 30.36 -29.28 6.39
N GLU B 290 31.46 -29.94 6.81
CA GLU B 290 31.44 -31.38 6.95
C GLU B 290 30.56 -31.82 8.11
N ASN B 291 30.57 -31.06 9.20
CA ASN B 291 29.90 -31.46 10.44
C ASN B 291 28.52 -30.83 10.63
N LEU B 292 27.93 -30.28 9.57
CA LEU B 292 26.51 -29.94 9.64
C LEU B 292 25.68 -31.22 9.63
N ASN B 293 24.37 -31.07 9.84
CA ASN B 293 23.50 -32.24 9.99
C ASN B 293 23.54 -33.15 8.77
N HIS B 294 23.91 -32.62 7.60
CA HIS B 294 24.20 -33.41 6.42
C HIS B 294 25.44 -32.80 5.73
N PRO B 295 26.36 -33.64 5.23
CA PRO B 295 27.63 -33.12 4.72
C PRO B 295 27.60 -32.74 3.24
N ILE B 296 26.41 -32.48 2.70
CA ILE B 296 26.27 -32.25 1.27
C ILE B 296 27.12 -31.08 0.81
N LEU B 297 27.24 -30.05 1.65
CA LEU B 297 28.04 -28.88 1.28
C LEU B 297 29.50 -29.25 1.12
N ALA B 298 30.02 -30.09 2.02
CA ALA B 298 31.42 -30.51 1.90
C ALA B 298 31.65 -31.32 0.64
N ASP B 299 30.70 -32.19 0.29
CA ASP B 299 30.82 -32.96 -0.94
C ASP B 299 30.88 -32.07 -2.17
N LEU B 300 30.10 -30.99 -2.18
CA LEU B 300 30.10 -30.10 -3.33
C LEU B 300 31.39 -29.29 -3.40
N LEU B 301 31.98 -28.97 -2.25
CA LEU B 301 33.08 -28.03 -2.21
C LEU B 301 34.47 -28.68 -2.23
N ARG B 302 34.54 -30.01 -2.23
CA ARG B 302 35.86 -30.69 -2.15
C ARG B 302 36.68 -30.56 -3.43
N ASP B 303 36.04 -30.49 -4.60
CA ASP B 303 36.73 -30.50 -5.85
C ASP B 303 36.50 -29.21 -6.64
N ALA B 304 35.92 -28.20 -5.98
CA ALA B 304 35.74 -26.88 -6.58
C ALA B 304 37.00 -26.03 -6.42
N GLU B 305 37.24 -25.15 -7.40
CA GLU B 305 38.40 -24.26 -7.32
C GLU B 305 38.10 -23.19 -6.31
N PRO B 306 38.84 -23.07 -5.22
CA PRO B 306 38.64 -21.91 -4.36
C PRO B 306 39.17 -20.67 -5.09
N LEU B 307 38.38 -19.61 -5.10
CA LEU B 307 38.73 -18.38 -5.81
C LEU B 307 39.00 -17.20 -4.90
N THR B 308 38.75 -17.32 -3.61
CA THR B 308 38.91 -16.22 -2.65
C THR B 308 39.51 -16.74 -1.35
N PRO B 309 39.98 -15.87 -0.47
CA PRO B 309 40.17 -16.24 0.94
C PRO B 309 38.84 -16.22 1.70
N VAL B 310 38.93 -16.53 2.99
CA VAL B 310 37.77 -16.45 3.88
C VAL B 310 37.45 -14.99 4.16
N PHE B 311 36.18 -14.63 4.05
CA PHE B 311 35.67 -13.33 4.49
C PHE B 311 34.82 -13.52 5.74
N GLY B 312 34.93 -12.59 6.68
CA GLY B 312 34.21 -12.67 7.93
C GLY B 312 33.26 -11.50 8.12
N SER B 313 32.18 -11.76 8.86
CA SER B 313 31.25 -10.73 9.28
C SER B 313 30.65 -11.13 10.61
N ARG B 314 30.48 -10.16 11.49
CA ARG B 314 29.76 -10.39 12.74
C ARG B 314 28.58 -9.44 12.90
N SER B 315 28.17 -8.82 11.78
CA SER B 315 27.01 -7.94 11.72
C SER B 315 25.72 -8.77 11.71
N GLY B 316 25.41 -9.37 12.87
CA GLY B 316 24.30 -10.30 12.88
C GLY B 316 23.13 -10.01 13.79
N ALA B 317 23.10 -8.83 14.40
CA ALA B 317 22.04 -8.48 15.36
C ALA B 317 20.82 -7.88 14.68
N ASN B 318 19.65 -8.09 15.29
CA ASN B 318 18.44 -7.36 14.95
C ASN B 318 18.34 -6.13 15.83
N ARG B 319 18.32 -4.95 15.22
CA ARG B 319 18.11 -3.73 15.98
C ARG B 319 17.14 -2.84 15.22
N ARG B 320 16.35 -2.08 15.97
CA ARG B 320 15.34 -1.21 15.38
C ARG B 320 15.18 0.03 16.25
N LEU B 321 15.42 1.20 15.66
CA LEU B 321 15.12 2.47 16.30
C LEU B 321 13.72 2.94 15.88
N TYR B 322 13.06 3.65 16.78
CA TYR B 322 11.67 4.08 16.57
C TYR B 322 11.55 5.60 16.63
N PRO B 323 12.14 6.31 15.67
CA PRO B 323 12.04 7.77 15.66
C PRO B 323 10.61 8.25 15.53
N GLU B 324 9.72 7.42 14.99
CA GLU B 324 8.30 7.75 14.92
C GLU B 324 7.65 7.84 16.29
N ARG B 325 8.28 7.30 17.35
CA ARG B 325 7.70 7.36 18.68
C ARG B 325 8.09 8.61 19.47
N LEU B 326 9.13 9.32 19.04
CA LEU B 326 9.68 10.44 19.80
C LEU B 326 9.00 11.74 19.37
N GLU B 327 8.47 12.46 20.36
CA GLU B 327 7.76 13.75 20.15
C GLU B 327 8.74 14.82 19.68
N GLN B 328 10.02 14.73 20.10
CA GLN B 328 10.97 15.76 19.69
C GLN B 328 11.87 15.26 18.56
N TRP B 329 11.33 14.40 17.68
CA TRP B 329 12.05 14.04 16.45
C TRP B 329 12.20 15.30 15.59
N PRO B 330 13.40 15.65 15.17
CA PRO B 330 13.59 16.92 14.46
C PRO B 330 12.95 16.88 13.09
N ASP B 331 12.47 18.05 12.67
CA ASP B 331 11.94 18.20 11.32
C ASP B 331 13.08 18.19 10.30
N GLY B 332 12.75 17.73 9.10
CA GLY B 332 13.69 17.75 7.99
C GLY B 332 14.71 16.65 8.00
N LEU B 333 14.57 15.65 8.85
CA LEU B 333 15.53 14.56 8.92
C LEU B 333 14.80 13.23 8.83
N LEU B 334 15.34 12.33 7.99
CA LEU B 334 14.82 10.98 7.82
C LEU B 334 15.96 9.98 7.92
N VAL B 335 15.63 8.79 8.41
CA VAL B 335 16.61 7.72 8.55
C VAL B 335 16.04 6.47 7.89
N ILE B 336 16.81 5.87 6.98
CA ILE B 336 16.37 4.73 6.17
C ILE B 336 17.47 3.68 6.12
N GLY B 337 17.13 2.50 5.60
CA GLY B 337 18.12 1.48 5.42
C GLY B 337 18.57 0.90 6.75
N ASP B 338 19.79 0.36 6.72
CA ASP B 338 20.32 -0.25 7.92
C ASP B 338 20.41 0.73 9.10
N SER B 339 20.47 2.05 8.86
CA SER B 339 20.47 2.95 10.02
C SER B 339 19.16 2.90 10.80
N LEU B 340 18.03 2.78 10.10
CA LEU B 340 16.78 2.77 10.85
C LEU B 340 16.64 1.44 11.56
N THR B 341 16.88 0.34 10.85
CA THR B 341 16.67 -0.98 11.41
C THR B 341 17.50 -1.97 10.61
N ALA B 342 18.20 -2.86 11.32
CA ALA B 342 19.05 -3.87 10.70
C ALA B 342 18.65 -5.23 11.24
N PHE B 343 18.91 -6.26 10.44
CA PHE B 343 18.38 -7.57 10.76
C PHE B 343 19.47 -8.62 10.66
N ASN B 344 19.19 -9.74 11.32
CA ASN B 344 19.93 -10.97 11.11
C ASN B 344 19.99 -11.26 9.61
N PRO B 345 21.18 -11.31 9.02
CA PRO B 345 21.28 -11.47 7.57
C PRO B 345 20.80 -12.81 7.08
N ILE B 346 20.66 -13.79 7.97
CA ILE B 346 20.21 -15.12 7.58
C ILE B 346 18.89 -15.06 6.81
N TYR B 347 18.02 -14.11 7.15
CA TYR B 347 16.72 -13.99 6.51
C TYR B 347 16.73 -13.11 5.27
N GLY B 348 17.83 -12.39 5.00
CA GLY B 348 18.05 -11.69 3.74
C GLY B 348 17.06 -10.60 3.34
N HIS B 349 16.73 -9.70 4.27
CA HIS B 349 15.71 -8.69 4.02
C HIS B 349 16.21 -7.26 3.95
N GLY B 350 17.51 -7.01 4.22
CA GLY B 350 17.99 -5.64 4.30
C GLY B 350 17.82 -4.85 3.03
N MET B 351 18.07 -5.48 1.88
CA MET B 351 17.90 -4.76 0.62
C MET B 351 16.42 -4.56 0.28
N SER B 352 15.58 -5.53 0.64
CA SER B 352 14.13 -5.35 0.46
C SER B 352 13.58 -4.30 1.42
N SER B 353 14.10 -4.27 2.65
CA SER B 353 13.68 -3.24 3.58
C SER B 353 14.13 -1.86 3.13
N ALA B 354 15.32 -1.78 2.52
CA ALA B 354 15.79 -0.54 1.93
C ALA B 354 14.91 -0.10 0.77
N ALA B 355 14.52 -1.04 -0.08
CA ALA B 355 13.62 -0.70 -1.19
C ALA B 355 12.27 -0.23 -0.67
N ARG B 356 11.76 -0.85 0.41
CA ARG B 356 10.51 -0.40 1.02
C ARG B 356 10.62 1.05 1.52
N CYS B 357 11.78 1.43 2.05
CA CYS B 357 11.92 2.78 2.60
C CYS B 357 11.83 3.81 1.49
N ALA B 358 12.50 3.53 0.36
CA ALA B 358 12.45 4.46 -0.76
C ALA B 358 11.07 4.48 -1.40
N THR B 359 10.44 3.31 -1.53
CA THR B 359 9.11 3.24 -2.13
C THR B 359 8.11 4.00 -1.27
N THR B 360 8.19 3.80 0.04
CA THR B 360 7.34 4.55 0.96
C THR B 360 7.56 6.05 0.79
N ILE B 361 8.83 6.45 0.63
CA ILE B 361 9.11 7.87 0.42
C ILE B 361 8.47 8.34 -0.86
N ASP B 362 8.62 7.56 -1.93
CA ASP B 362 8.02 7.93 -3.22
C ASP B 362 6.50 8.05 -3.11
N ARG B 363 5.86 7.16 -2.36
CA ARG B 363 4.40 7.13 -2.32
C ARG B 363 3.82 8.20 -1.39
N GLU B 364 4.52 8.56 -0.31
CA GLU B 364 3.96 9.44 0.70
C GLU B 364 4.54 10.85 0.65
N PHE B 365 5.53 11.09 -0.22
CA PHE B 365 6.24 12.38 -0.17
C PHE B 365 5.29 13.54 -0.41
N GLU B 366 4.61 13.54 -1.56
CA GLU B 366 3.75 14.67 -1.90
C GLU B 366 2.61 14.83 -0.89
N ARG B 367 2.01 13.70 -0.48
CA ARG B 367 0.91 13.72 0.48
C ARG B 367 1.32 14.32 1.83
N SER B 368 2.57 14.17 2.24
CA SER B 368 2.97 14.63 3.57
C SER B 368 3.70 15.96 3.57
N VAL B 369 4.20 16.46 2.42
CA VAL B 369 4.70 17.83 2.35
C VAL B 369 3.62 18.84 1.95
N GLN B 370 2.41 18.37 1.64
CA GLN B 370 1.29 19.29 1.50
C GLN B 370 0.94 19.95 2.85
N ALA B 376 7.13 25.10 8.47
CA ALA B 376 6.90 23.95 9.33
C ALA B 376 6.85 22.68 8.52
N ARG B 377 7.32 21.57 9.10
CA ARG B 377 7.13 20.26 8.49
C ARG B 377 6.49 19.35 9.52
N ALA B 378 5.16 19.48 9.65
CA ALA B 378 4.39 18.53 10.42
C ALA B 378 4.22 17.22 9.67
N GLY B 379 4.80 17.08 8.48
CA GLY B 379 4.63 15.90 7.66
C GLY B 379 5.82 14.96 7.61
N THR B 380 7.03 15.40 8.00
CA THR B 380 8.15 14.46 7.97
C THR B 380 8.05 13.49 9.13
N ARG B 381 7.34 13.88 10.19
CA ARG B 381 6.77 12.94 11.17
C ARG B 381 5.94 11.86 10.51
N ALA B 382 5.09 12.24 9.55
CA ALA B 382 4.27 11.23 8.91
C ALA B 382 5.11 10.33 8.02
N LEU B 383 6.12 10.90 7.34
CA LEU B 383 7.03 10.10 6.52
C LEU B 383 7.75 9.06 7.35
N GLN B 384 8.40 9.48 8.43
CA GLN B 384 9.12 8.55 9.28
C GLN B 384 8.17 7.56 9.93
N LYS B 385 6.94 7.99 10.23
CA LYS B 385 5.91 7.07 10.70
C LYS B 385 5.54 6.07 9.61
N ALA B 386 5.39 6.54 8.37
CA ALA B 386 5.12 5.63 7.27
C ALA B 386 6.31 4.70 7.03
N ILE B 387 7.53 5.24 7.06
CA ILE B 387 8.72 4.40 6.87
C ILE B 387 8.81 3.33 7.94
N GLY B 388 8.64 3.73 9.20
CA GLY B 388 8.73 2.76 10.28
C GLY B 388 7.70 1.64 10.15
N ALA B 389 6.50 1.99 9.66
CA ALA B 389 5.51 0.94 9.40
C ALA B 389 5.97 0.04 8.25
N ALA B 390 6.69 0.59 7.28
CA ALA B 390 7.15 -0.20 6.14
C ALA B 390 8.24 -1.20 6.53
N VAL B 391 9.01 -0.93 7.57
CA VAL B 391 10.07 -1.85 7.98
C VAL B 391 9.61 -2.81 9.07
N ASP B 392 8.31 -2.83 9.39
CA ASP B 392 7.89 -3.68 10.50
C ASP B 392 7.99 -5.16 10.15
N ASP B 393 7.64 -5.52 8.91
CA ASP B 393 7.65 -6.94 8.53
C ASP B 393 9.02 -7.58 8.70
N PRO B 394 10.11 -7.07 8.13
CA PRO B 394 11.40 -7.76 8.32
C PRO B 394 11.87 -7.74 9.77
N TRP B 395 11.47 -6.74 10.55
CA TRP B 395 11.85 -6.72 11.97
C TRP B 395 11.18 -7.86 12.72
N ILE B 396 9.84 -7.94 12.66
CA ILE B 396 9.14 -8.95 13.46
C ILE B 396 9.47 -10.35 12.98
N LEU B 397 9.77 -10.52 11.69
CA LEU B 397 10.18 -11.82 11.18
C LEU B 397 11.49 -12.28 11.82
N ALA B 398 12.53 -11.45 11.73
CA ALA B 398 13.85 -11.85 12.23
C ALA B 398 13.86 -11.98 13.76
N ALA B 399 13.28 -11.00 14.46
CA ALA B 399 13.30 -11.01 15.91
C ALA B 399 12.54 -12.22 16.46
N THR B 400 11.42 -12.57 15.84
CA THR B 400 10.64 -13.72 16.30
C THR B 400 11.45 -15.01 16.21
N LYS B 401 12.22 -15.18 15.13
CA LYS B 401 12.99 -16.41 14.96
C LYS B 401 14.26 -16.41 15.81
N ASP B 402 14.78 -15.23 16.17
CA ASP B 402 16.03 -15.15 16.91
C ASP B 402 15.85 -15.08 18.41
N ILE B 403 14.65 -14.73 18.89
CA ILE B 403 14.45 -14.48 20.31
C ILE B 403 14.70 -15.72 21.15
N ASP B 404 14.57 -16.91 20.55
CA ASP B 404 14.63 -18.16 21.31
C ASP B 404 15.99 -18.83 21.28
N TYR B 405 16.98 -18.29 20.57
CA TYR B 405 18.29 -18.94 20.56
C TYR B 405 18.92 -18.86 21.95
N VAL B 406 19.60 -19.94 22.35
CA VAL B 406 20.42 -19.88 23.54
C VAL B 406 21.47 -18.80 23.33
N ASN B 407 21.82 -18.09 24.41
CA ASN B 407 22.80 -17.01 24.41
C ASN B 407 22.34 -15.78 23.61
N CYS B 408 21.06 -15.66 23.30
CA CYS B 408 20.59 -14.47 22.61
C CYS B 408 20.39 -13.35 23.63
N ARG B 409 20.84 -12.16 23.27
CA ARG B 409 20.75 -11.00 24.16
C ARG B 409 19.65 -10.06 23.68
N VAL B 410 18.66 -9.82 24.54
CA VAL B 410 17.41 -9.18 24.18
C VAL B 410 17.16 -7.98 25.08
N SER B 411 16.79 -6.85 24.47
CA SER B 411 16.42 -5.63 25.19
C SER B 411 15.37 -4.91 24.33
N ALA B 412 14.12 -5.33 24.50
CA ALA B 412 13.06 -4.93 23.58
C ALA B 412 11.76 -4.70 24.34
N THR B 413 10.92 -3.83 23.78
CA THR B 413 9.60 -3.54 24.35
C THR B 413 8.45 -4.14 23.54
N ASP B 414 8.74 -4.76 22.38
CA ASP B 414 7.71 -5.29 21.48
C ASP B 414 6.82 -6.32 22.16
N PRO B 415 5.53 -6.01 22.35
CA PRO B 415 4.63 -6.97 23.01
C PRO B 415 4.46 -8.26 22.23
N ARG B 416 4.70 -8.26 20.92
CA ARG B 416 4.66 -9.48 20.13
C ARG B 416 5.79 -10.43 20.48
N LEU B 417 6.88 -9.92 21.06
CA LEU B 417 8.00 -10.75 21.48
C LEU B 417 7.99 -11.02 22.98
N ILE B 418 7.76 -9.99 23.79
CA ILE B 418 7.95 -10.12 25.24
C ILE B 418 6.71 -10.65 25.94
N GLY B 419 5.53 -10.30 25.45
CA GLY B 419 4.32 -10.72 26.13
C GLY B 419 3.86 -12.07 25.61
N VAL B 420 4.82 -12.95 25.35
CA VAL B 420 4.58 -14.17 24.58
C VAL B 420 5.16 -15.37 25.32
N ASP B 421 4.31 -16.35 25.57
CA ASP B 421 4.74 -17.68 25.99
C ASP B 421 5.80 -18.22 25.04
N THR B 422 6.96 -18.53 25.59
CA THR B 422 8.07 -18.96 24.75
C THR B 422 7.85 -20.36 24.23
N GLU B 423 7.02 -21.17 24.89
CA GLU B 423 6.89 -22.53 24.38
C GLU B 423 5.74 -22.62 23.37
N GLN B 424 4.89 -21.58 23.41
CA GLN B 424 3.77 -21.41 22.46
C GLN B 424 4.40 -20.95 21.14
N ARG B 425 5.47 -20.14 21.21
CA ARG B 425 6.14 -19.73 19.96
C ARG B 425 6.99 -20.85 19.38
N LEU B 426 7.70 -21.61 20.24
CA LEU B 426 8.51 -22.72 19.75
C LEU B 426 7.66 -23.84 19.14
N ARG B 427 6.61 -24.28 19.84
CA ARG B 427 5.79 -25.37 19.30
C ARG B 427 5.16 -24.97 17.98
N PHE B 428 4.78 -23.70 17.84
CA PHE B 428 4.17 -23.24 16.61
C PHE B 428 5.21 -23.01 15.51
N ALA B 429 6.41 -22.58 15.89
CA ALA B 429 7.51 -22.45 14.93
C ALA B 429 7.84 -23.79 14.29
N GLU B 430 7.95 -24.84 15.11
CA GLU B 430 8.21 -26.17 14.58
C GLU B 430 7.08 -26.65 13.67
N ALA B 431 5.82 -26.36 14.05
CA ALA B 431 4.70 -26.85 13.24
C ALA B 431 4.62 -26.12 11.90
N ILE B 432 4.91 -24.83 11.89
CA ILE B 432 4.98 -24.08 10.62
C ILE B 432 6.03 -24.69 9.71
N THR B 433 7.21 -25.01 10.27
CA THR B 433 8.29 -25.56 9.47
C THR B 433 7.92 -26.92 8.91
N ALA B 434 7.36 -27.79 9.77
CA ALA B 434 6.98 -29.12 9.32
C ALA B 434 5.94 -29.08 8.22
N ALA B 435 5.06 -28.06 8.23
CA ALA B 435 4.05 -27.95 7.17
C ALA B 435 4.69 -27.46 5.88
N SER B 436 5.59 -26.48 5.99
CA SER B 436 6.12 -25.84 4.79
C SER B 436 6.99 -26.78 3.96
N ILE B 437 7.67 -27.74 4.60
CA ILE B 437 8.55 -28.62 3.84
C ILE B 437 7.80 -29.69 3.08
N ARG B 438 6.55 -30.00 3.47
CA ARG B 438 5.88 -31.13 2.86
C ARG B 438 4.43 -30.88 2.44
N SER B 439 3.92 -29.65 2.58
CA SER B 439 2.58 -29.30 2.12
C SER B 439 2.65 -28.15 1.14
N PRO B 440 2.22 -28.34 -0.11
CA PRO B 440 2.34 -27.24 -1.10
C PRO B 440 1.64 -25.97 -0.68
N LYS B 441 0.42 -26.06 -0.16
CA LYS B 441 -0.29 -24.83 0.12
C LYS B 441 0.31 -24.10 1.32
N ALA B 442 0.82 -24.85 2.31
CA ALA B 442 1.49 -24.18 3.41
C ALA B 442 2.86 -23.68 2.97
N SER B 443 3.53 -24.44 2.10
CA SER B 443 4.83 -23.98 1.60
C SER B 443 4.64 -22.63 0.92
N GLU B 444 3.58 -22.53 0.09
CA GLU B 444 3.34 -21.31 -0.69
C GLU B 444 3.18 -20.10 0.22
N ILE B 445 2.39 -20.21 1.29
CA ILE B 445 2.18 -19.07 2.19
C ILE B 445 3.45 -18.76 2.95
N VAL B 446 4.16 -19.79 3.39
CA VAL B 446 5.41 -19.57 4.11
C VAL B 446 6.43 -18.87 3.22
N THR B 447 6.49 -19.22 1.93
CA THR B 447 7.43 -18.49 1.08
C THR B 447 6.98 -17.05 0.85
N ASP B 448 5.67 -16.79 0.89
CA ASP B 448 5.18 -15.41 0.83
C ASP B 448 5.71 -14.59 2.00
N VAL B 449 5.67 -15.17 3.21
CA VAL B 449 6.23 -14.50 4.38
C VAL B 449 7.75 -14.38 4.25
N MET B 450 8.42 -15.47 3.87
CA MET B 450 9.89 -15.44 3.83
C MET B 450 10.41 -14.49 2.77
N SER B 451 9.69 -14.32 1.66
CA SER B 451 10.06 -13.36 0.62
C SER B 451 9.68 -11.93 0.99
N LEU B 452 9.11 -11.71 2.17
CA LEU B 452 8.68 -10.40 2.62
C LEU B 452 7.47 -9.87 1.83
N ASN B 453 6.59 -10.76 1.36
CA ASN B 453 5.40 -10.31 0.65
C ASN B 453 4.12 -10.49 1.47
N ALA B 454 4.23 -11.04 2.66
CA ALA B 454 3.09 -11.17 3.55
C ALA B 454 3.69 -11.01 4.94
N PRO B 455 2.96 -10.39 5.87
CA PRO B 455 3.48 -10.27 7.24
C PRO B 455 3.56 -11.62 7.92
N GLN B 456 4.50 -11.72 8.85
CA GLN B 456 4.63 -12.95 9.64
C GLN B 456 3.33 -13.32 10.32
N ALA B 457 2.52 -12.33 10.71
CA ALA B 457 1.28 -12.65 11.40
C ALA B 457 0.38 -13.52 10.54
N GLU B 458 0.59 -13.51 9.21
CA GLU B 458 -0.23 -14.34 8.33
C GLU B 458 -0.10 -15.82 8.69
N LEU B 459 1.05 -16.20 9.26
CA LEU B 459 1.24 -17.59 9.70
C LEU B 459 0.40 -17.93 10.92
N GLY B 460 -0.26 -16.96 11.55
CA GLY B 460 -1.19 -17.25 12.61
C GLY B 460 -2.64 -17.09 12.17
N SER B 461 -2.85 -16.81 10.89
CA SER B 461 -4.19 -16.52 10.35
C SER B 461 -5.04 -17.77 10.25
N ASN B 462 -6.36 -17.56 10.24
CA ASN B 462 -7.29 -18.64 9.95
C ASN B 462 -6.95 -19.31 8.62
N ARG B 463 -6.61 -18.50 7.62
CA ARG B 463 -6.25 -19.03 6.31
C ARG B 463 -5.07 -20.01 6.40
N PHE B 464 -4.01 -19.61 7.10
CA PHE B 464 -2.85 -20.50 7.19
C PHE B 464 -3.17 -21.74 8.02
N LEU B 465 -3.79 -21.56 9.19
CA LEU B 465 -4.11 -22.72 10.01
C LEU B 465 -5.02 -23.69 9.27
N MET B 466 -5.85 -23.19 8.35
CA MET B 466 -6.67 -24.09 7.56
C MET B 466 -5.84 -24.85 6.54
N ALA B 467 -4.98 -24.14 5.79
CA ALA B 467 -4.08 -24.82 4.87
C ALA B 467 -3.23 -25.87 5.60
N MET B 468 -2.69 -25.50 6.75
CA MET B 468 -1.79 -26.36 7.50
C MET B 468 -2.47 -27.66 7.89
N ARG B 469 -3.79 -27.64 8.06
CA ARG B 469 -4.56 -28.82 8.44
C ARG B 469 -5.24 -29.49 7.25
N ALA B 470 -5.77 -28.71 6.30
CA ALA B 470 -6.53 -29.31 5.21
C ALA B 470 -5.64 -29.87 4.12
N ASP B 471 -4.48 -29.27 3.90
CA ASP B 471 -3.63 -29.68 2.79
C ASP B 471 -3.05 -31.05 3.05
N GLU B 472 -2.82 -31.79 1.98
CA GLU B 472 -2.07 -33.03 2.08
C GLU B 472 -0.66 -32.76 2.59
N ARG B 473 0.00 -33.81 3.07
CA ARG B 473 1.39 -33.74 3.50
C ARG B 473 2.13 -34.90 2.86
N LEU B 474 3.11 -34.58 2.03
CA LEU B 474 3.84 -35.60 1.30
C LEU B 474 4.69 -36.42 2.26
N PRO B 475 5.08 -37.63 1.85
CA PRO B 475 5.97 -38.43 2.70
C PRO B 475 7.26 -37.67 2.95
N GLU B 476 7.90 -38.00 4.08
CA GLU B 476 9.19 -37.41 4.41
C GLU B 476 10.27 -37.83 3.41
N LEU B 477 11.09 -36.87 3.01
CA LEU B 477 12.24 -37.15 2.17
C LEU B 477 13.37 -37.71 3.02
N THR B 478 13.91 -38.87 2.63
CA THR B 478 14.97 -39.51 3.40
C THR B 478 16.35 -39.16 2.89
N ALA B 479 16.45 -38.35 1.83
CA ALA B 479 17.72 -37.92 1.27
C ALA B 479 17.48 -36.58 0.58
N PRO B 480 18.52 -35.75 0.42
CA PRO B 480 18.34 -34.46 -0.26
C PRO B 480 17.69 -34.67 -1.62
N PRO B 481 16.65 -33.91 -1.95
CA PRO B 481 15.89 -34.18 -3.18
C PRO B 481 16.58 -33.66 -4.44
N PHE B 482 17.80 -34.13 -4.68
CA PHE B 482 18.46 -33.87 -5.96
C PHE B 482 17.83 -34.74 -7.03
N LEU B 483 17.75 -34.22 -8.24
CA LEU B 483 17.41 -35.09 -9.35
C LEU B 483 18.68 -35.75 -9.87
N PRO B 484 18.57 -36.91 -10.53
CA PRO B 484 19.80 -37.58 -10.96
C PRO B 484 20.64 -36.76 -11.91
N GLU B 485 20.02 -36.11 -12.91
CA GLU B 485 20.76 -35.30 -13.86
C GLU B 485 21.47 -34.13 -13.18
N GLU B 486 20.92 -33.62 -12.08
CA GLU B 486 21.58 -32.51 -11.38
C GLU B 486 22.86 -32.96 -10.71
N LEU B 487 22.86 -34.17 -10.16
CA LEU B 487 24.10 -34.69 -9.59
C LEU B 487 25.12 -35.03 -10.68
N ALA B 488 24.65 -35.23 -11.91
CA ALA B 488 25.57 -35.48 -13.00
C ALA B 488 26.32 -34.22 -13.42
N VAL B 489 25.71 -33.05 -13.23
CA VAL B 489 26.39 -31.80 -13.61
C VAL B 489 27.56 -31.52 -12.67
N VAL B 490 27.44 -31.90 -11.39
CA VAL B 490 28.53 -31.72 -10.45
C VAL B 490 29.23 -33.04 -10.14
N GLY B 491 28.83 -34.12 -10.81
CA GLY B 491 29.49 -35.41 -10.73
C GLY B 491 29.46 -36.12 -9.40
N LEU B 492 28.28 -36.18 -8.73
CA LEU B 492 28.12 -36.86 -7.43
C LEU B 492 26.83 -37.67 -7.45
N ASP B 493 26.82 -38.82 -8.13
CA ASP B 493 25.55 -39.53 -8.22
C ASP B 493 25.34 -40.55 -7.11
N ALA B 494 26.42 -41.08 -6.52
CA ALA B 494 26.30 -42.09 -5.47
C ALA B 494 25.49 -41.62 -4.26
N ALA B 495 25.26 -40.31 -4.11
CA ALA B 495 24.56 -39.78 -2.95
C ALA B 495 23.11 -40.26 -2.88
PA FAD C . -25.05 3.07 2.35
O1A FAD C . -25.77 4.30 2.70
O2A FAD C . -24.88 2.76 0.88
O5B FAD C . -25.73 1.81 3.07
C5B FAD C . -26.11 1.83 4.46
C4B FAD C . -26.73 0.47 4.70
O4B FAD C . -26.97 0.25 6.10
C3B FAD C . -28.08 0.28 3.99
O3B FAD C . -28.18 -1.04 3.48
C2B FAD C . -29.09 0.52 5.12
O2B FAD C . -30.32 -0.15 4.90
C1B FAD C . -28.33 -0.09 6.29
N9A FAD C . -28.73 0.39 7.60
C8A FAD C . -28.86 1.68 8.03
N7A FAD C . -29.15 1.80 9.30
C5A FAD C . -29.17 0.49 9.74
C6A FAD C . -29.44 -0.07 11.01
N6A FAD C . -29.70 0.64 12.11
N1A FAD C . -29.39 -1.42 11.12
C2A FAD C . -29.10 -2.15 10.04
N3A FAD C . -28.84 -1.73 8.79
C4A FAD C . -28.92 -0.39 8.72
N1 FAD C . -20.24 6.68 -4.97
C2 FAD C . -19.46 6.30 -6.01
O2 FAD C . -18.47 5.58 -5.83
N3 FAD C . -19.75 6.73 -7.29
C4 FAD C . -20.83 7.54 -7.64
O4 FAD C . -21.01 7.90 -8.80
C4X FAD C . -21.69 7.90 -6.52
N5 FAD C . -22.76 8.65 -6.75
C5X FAD C . -23.54 9.01 -5.66
C6 FAD C . -24.67 9.82 -5.86
C7 FAD C . -25.46 10.22 -4.78
C7M FAD C . -26.68 11.09 -5.02
C8 FAD C . -25.14 9.80 -3.49
C8M FAD C . -25.98 10.23 -2.31
C9 FAD C . -24.03 8.99 -3.29
C9A FAD C . -23.23 8.61 -4.36
N10 FAD C . -22.09 7.79 -4.16
C10 FAD C . -21.31 7.42 -5.21
C1' FAD C . -21.76 7.29 -2.83
C2' FAD C . -22.25 5.85 -2.63
O2' FAD C . -23.65 5.73 -2.90
C3' FAD C . -21.95 5.39 -1.20
O3' FAD C . -20.62 5.80 -0.88
C4' FAD C . -22.06 3.86 -1.06
O4' FAD C . -23.39 3.37 -1.19
C5' FAD C . -21.34 3.28 0.14
O5' FAD C . -22.06 3.64 1.33
P FAD C . -22.18 2.64 2.56
O1P FAD C . -22.20 1.16 2.26
O2P FAD C . -21.19 3.03 3.61
O3P FAD C . -23.63 3.07 3.06
C1 GOL D . -8.00 14.89 -28.70
O1 GOL D . -8.15 15.78 -29.76
C2 GOL D . -7.21 13.68 -29.20
O2 GOL D . -7.83 13.12 -30.30
C3 GOL D . -5.79 14.20 -29.50
O3 GOL D . -4.94 13.10 -29.63
C10 YGK E . -19.79 12.68 -12.30
C11 YGK E . -21.04 11.97 -11.84
C12 YGK E . -21.00 11.61 -10.35
C13 YGK E . -22.36 11.18 -9.81
C14 YGK E . -23.56 11.90 -10.13
C15 YGK E . -24.91 11.19 -9.95
C17 YGK E . -16.70 17.10 -13.80
C18 YGK E . -18.52 11.87 -12.25
C01 YGK E . -14.15 19.30 -12.85
C02 YGK E . -15.07 19.43 -11.65
C04 YGK E . -14.86 17.10 -11.29
C05 YGK E . -16.28 16.59 -11.35
C06 YGK E . -17.09 16.58 -12.43
C07 YGK E . -18.49 16.03 -12.33
C08 YGK E . -18.69 14.79 -13.22
C09 YGK E . -19.85 13.96 -12.73
C19 YGK E . -23.59 13.21 -10.88
O03 YGK E . -14.83 18.41 -10.78
O16 YGK E . -15.89 20.30 -11.50
O20 YGK E . -22.76 12.01 -8.75
C1 GOL F . -6.37 1.36 0.12
O1 GOL F . -5.84 0.11 0.37
C2 GOL F . -5.29 2.26 -0.48
O2 GOL F . -5.51 2.54 -1.82
C3 GOL F . -5.34 3.52 0.37
O3 GOL F . -4.09 4.12 0.33
CL CL G . -30.09 10.10 -1.65
PA FAD H . 25.10 0.22 4.00
O1A FAD H . 25.74 -0.29 5.24
O2A FAD H . 24.94 -0.84 2.90
O5B FAD H . 25.81 1.43 3.27
C5B FAD H . 26.23 2.61 3.97
C4B FAD H . 26.85 3.52 2.93
O4B FAD H . 27.04 4.84 3.47
C3B FAD H . 28.19 3.08 2.36
O3B FAD H . 28.25 3.38 0.97
C2B FAD H . 29.19 3.90 3.19
O2B FAD H . 30.41 4.13 2.49
C1B FAD H . 28.41 5.20 3.37
N9A FAD H . 28.76 5.97 4.56
C8A FAD H . 28.67 5.56 5.87
N7A FAD H . 28.99 6.47 6.75
C5A FAD H . 29.31 7.57 5.96
C6A FAD H . 29.74 8.88 6.29
N6A FAD H . 29.94 9.30 7.53
N1A FAD H . 29.96 9.73 5.26
C2A FAD H . 29.77 9.31 4.02
N3A FAD H . 29.38 8.11 3.59
C4A FAD H . 29.16 7.28 4.62
N1 FAD H . 20.32 -7.97 2.55
C2 FAD H . 19.56 -8.64 1.63
O2 FAD H . 18.58 -8.11 1.10
N3 FAD H . 19.86 -9.94 1.30
C4 FAD H . 20.92 -10.69 1.80
O4 FAD H . 21.10 -11.85 1.43
C4X FAD H . 21.73 -9.97 2.77
N5 FAD H . 22.75 -10.59 3.30
C5X FAD H . 23.52 -9.91 4.23
C6 FAD H . 24.63 -10.56 4.79
C7 FAD H . 25.42 -9.92 5.74
C7M FAD H . 26.58 -10.66 6.33
C8 FAD H . 25.13 -8.61 6.12
C8M FAD H . 25.98 -7.89 7.13
C9 FAD H . 24.04 -7.95 5.54
C9A FAD H . 23.24 -8.59 4.60
N10 FAD H . 22.12 -7.96 4.02
C10 FAD H . 21.35 -8.61 3.08
C1' FAD H . 21.77 -6.57 4.35
C2' FAD H . 22.20 -5.57 3.28
O2' FAD H . 23.57 -5.77 2.90
C3' FAD H . 21.99 -4.15 3.79
O3' FAD H . 20.78 -4.08 4.55
C4' FAD H . 21.90 -3.11 2.66
O4' FAD H . 23.20 -2.86 2.10
C5' FAD H . 21.21 -1.82 3.09
O5' FAD H . 22.12 -1.06 3.90
P FAD H . 22.27 0.51 3.72
O1P FAD H . 22.36 0.82 2.22
O2P FAD H . 21.23 1.22 4.47
O3P FAD H . 23.68 0.81 4.36
#